data_9GSU
#
_entry.id   9GSU
#
_cell.length_a   104.955
_cell.length_b   130.647
_cell.length_c   156.132
_cell.angle_alpha   90.000
_cell.angle_beta   90.000
_cell.angle_gamma   90.000
#
_symmetry.space_group_name_H-M   'C 2 2 21'
#
loop_
_entity.id
_entity.type
_entity.pdbx_description
1 polymer 'Serine/threonine-protein phosphatase'
2 polymer Neurabin-1
3 non-polymer 'MANGANESE (II) ION'
4 water water
#
loop_
_entity_poly.entity_id
_entity_poly.type
_entity_poly.pdbx_seq_one_letter_code
_entity_poly.pdbx_strand_id
1 'polypeptide(L)'
;GHMGSLNLDSIIGRLLEVQGSRPGKNVQLTENEIRGLCLKSREIFLSQPILLELEAPLKICGDIHGQYYDLLRLFEYGGF
PPESNYLFLGDYVDRGKQSLETICLLLAYKIKYPENFFLLRGNHECASINRIYGFYDECKRRYNIKLWKTFTDCFNCLPI
AAIVDEKIFCCHGGLSPDLQSMEQIRRIMRPTDVPDQGLLCDLLWSDPDKDVQGWGENDRGVSFTFGAEVVAKFLHKHDL
DLICRAHQVVEDGYEFFAKRQLVTLFSAPNYCGEFDNAGAMMSVDETLMCSFQILKPADKNKGSGSGSGSGSGSPVTKTP
PRDLPTIPGVTSGSQFEMDI
;
A,D
2 'polypeptide(L)'
;GPLGSEEEDSDENSYYQPDMEYSEIVGLPEEEEIPANRKIKFSSAPIKVFNTYSNEDYDRRNDEVDPVAASAEYELEKRV
EKLELFPVELEKDEDGLGISIIGMGVGADAGLEKLGIFVKTVTEGGAAQRDGRIQVNDQIVEVDGISLVGVTQNFAATVL
RNTKGNVRFVIGREKP
;
C,E
#
loop_
_chem_comp.id
_chem_comp.type
_chem_comp.name
_chem_comp.formula
MN non-polymer 'MANGANESE (II) ION' 'Mn 2'
#
# COMPACT_ATOMS: atom_id res chain seq x y z
N LEU A 6 -41.94 -14.91 -1.28
CA LEU A 6 -41.19 -13.80 -0.71
C LEU A 6 -41.24 -13.84 0.81
N ASN A 7 -42.46 -13.96 1.36
CA ASN A 7 -42.68 -14.02 2.81
C ASN A 7 -42.13 -12.79 3.52
N LEU A 8 -42.03 -11.66 2.80
CA LEU A 8 -41.31 -10.51 3.34
C LEU A 8 -41.90 -10.04 4.66
N ASP A 9 -43.22 -9.90 4.73
CA ASP A 9 -43.84 -9.50 5.99
C ASP A 9 -43.65 -10.57 7.06
N SER A 10 -43.69 -11.84 6.68
CA SER A 10 -43.44 -12.91 7.64
C SER A 10 -42.01 -12.86 8.15
N ILE A 11 -41.05 -12.60 7.24
CA ILE A 11 -39.65 -12.57 7.63
C ILE A 11 -39.39 -11.46 8.63
N ILE A 12 -39.85 -10.25 8.32
CA ILE A 12 -39.65 -9.12 9.20
C ILE A 12 -40.31 -9.38 10.56
N GLY A 13 -41.53 -9.92 10.54
CA GLY A 13 -42.22 -10.15 11.79
C GLY A 13 -41.47 -11.07 12.73
N ARG A 14 -40.92 -12.17 12.19
CA ARG A 14 -40.13 -13.08 13.01
C ARG A 14 -38.85 -12.41 13.49
N LEU A 15 -38.22 -11.58 12.65
CA LEU A 15 -37.00 -10.91 13.05
C LEU A 15 -37.26 -9.94 14.19
N LEU A 16 -38.43 -9.28 14.21
CA LEU A 16 -38.78 -8.35 15.27
C LEU A 16 -39.45 -9.03 16.46
N GLU A 17 -39.67 -10.34 16.41
CA GLU A 17 -40.37 -11.02 17.50
C GLU A 17 -39.52 -11.15 18.76
N VAL A 18 -38.21 -11.00 18.64
CA VAL A 18 -37.29 -11.19 19.75
C VAL A 18 -36.95 -9.86 20.43
N GLN A 19 -37.73 -8.81 20.15
CA GLN A 19 -37.43 -7.49 20.69
C GLN A 19 -37.34 -7.54 22.21
N GLY A 20 -38.33 -8.18 22.86
CA GLY A 20 -38.40 -8.19 24.31
C GLY A 20 -37.70 -9.34 24.98
N SER A 21 -36.93 -10.13 24.26
CA SER A 21 -36.22 -11.26 24.83
C SER A 21 -34.85 -10.82 25.36
N ARG A 22 -34.22 -11.72 26.12
CA ARG A 22 -32.86 -11.48 26.55
C ARG A 22 -31.95 -11.44 25.34
N PRO A 23 -31.06 -10.45 25.22
CA PRO A 23 -30.19 -10.37 24.04
C PRO A 23 -29.38 -11.64 23.86
N GLY A 24 -29.09 -11.96 22.59
CA GLY A 24 -28.42 -13.18 22.23
C GLY A 24 -29.33 -14.23 21.61
N LYS A 25 -30.64 -14.13 21.83
CA LYS A 25 -31.57 -15.10 21.25
C LYS A 25 -31.59 -14.95 19.73
N ASN A 26 -31.38 -16.06 19.03
CA ASN A 26 -31.25 -16.03 17.58
C ASN A 26 -32.62 -16.16 16.91
N VAL A 27 -32.68 -15.72 15.66
CA VAL A 27 -33.83 -15.92 14.79
C VAL A 27 -33.32 -16.67 13.57
N GLN A 28 -33.81 -17.89 13.40
CA GLN A 28 -33.32 -18.80 12.36
C GLN A 28 -34.32 -18.80 11.21
N LEU A 29 -34.01 -18.01 10.18
CA LEU A 29 -34.79 -18.06 8.95
C LEU A 29 -34.38 -19.27 8.12
N THR A 30 -35.25 -19.65 7.19
CA THR A 30 -34.94 -20.76 6.31
C THR A 30 -33.90 -20.34 5.29
N GLU A 31 -33.15 -21.32 4.78
CA GLU A 31 -32.15 -21.03 3.77
C GLU A 31 -32.76 -20.32 2.56
N ASN A 32 -33.93 -20.79 2.10
CA ASN A 32 -34.52 -20.19 0.91
C ASN A 32 -34.96 -18.75 1.17
N GLU A 33 -35.52 -18.48 2.35
CA GLU A 33 -35.90 -17.10 2.68
C GLU A 33 -34.70 -16.17 2.61
N ILE A 34 -33.57 -16.57 3.20
CA ILE A 34 -32.37 -15.74 3.14
C ILE A 34 -31.92 -15.58 1.70
N ARG A 35 -31.87 -16.68 0.95
CA ARG A 35 -31.48 -16.59 -0.45
C ARG A 35 -32.42 -15.66 -1.22
N GLY A 36 -33.71 -15.72 -0.91
CA GLY A 36 -34.62 -14.75 -1.52
C GLY A 36 -34.25 -13.32 -1.19
N LEU A 37 -33.96 -13.05 0.08
CA LEU A 37 -33.57 -11.70 0.47
C LEU A 37 -32.30 -11.27 -0.25
N CYS A 38 -31.34 -12.18 -0.41
CA CYS A 38 -30.09 -11.82 -1.08
C CYS A 38 -30.32 -11.55 -2.56
N LEU A 39 -31.05 -12.45 -3.24
CA LEU A 39 -31.23 -12.34 -4.67
C LEU A 39 -32.12 -11.15 -5.03
N LYS A 40 -33.05 -10.79 -4.15
CA LYS A 40 -33.94 -9.67 -4.44
C LYS A 40 -33.31 -8.33 -4.05
N SER A 41 -32.64 -8.25 -2.90
CA SER A 41 -31.91 -7.04 -2.56
C SER A 41 -30.81 -6.78 -3.59
N ARG A 42 -30.17 -7.84 -4.06
CA ARG A 42 -29.16 -7.69 -5.10
C ARG A 42 -29.77 -7.04 -6.34
N GLU A 43 -30.99 -7.45 -6.69
CA GLU A 43 -31.67 -6.88 -7.85
C GLU A 43 -31.90 -5.39 -7.69
N ILE A 44 -32.38 -4.97 -6.50
CA ILE A 44 -32.59 -3.56 -6.25
C ILE A 44 -31.27 -2.79 -6.28
N PHE A 45 -30.22 -3.33 -5.62
CA PHE A 45 -28.96 -2.61 -5.55
C PHE A 45 -28.45 -2.27 -6.95
N LEU A 46 -28.54 -3.21 -7.89
CA LEU A 46 -28.06 -2.95 -9.24
C LEU A 46 -28.99 -2.04 -10.03
N SER A 47 -30.27 -1.96 -9.66
CA SER A 47 -31.18 -1.04 -10.34
C SER A 47 -31.00 0.39 -9.87
N GLN A 48 -30.32 0.61 -8.76
CA GLN A 48 -30.06 1.94 -8.22
C GLN A 48 -28.60 2.32 -8.44
N PRO A 49 -28.30 3.62 -8.50
CA PRO A 49 -26.92 4.03 -8.81
C PRO A 49 -25.92 3.59 -7.75
N ILE A 50 -24.71 3.26 -8.19
CA ILE A 50 -23.64 2.94 -7.26
C ILE A 50 -23.31 4.12 -6.36
N LEU A 51 -23.48 5.35 -6.88
CA LEU A 51 -23.35 6.57 -6.07
C LEU A 51 -24.76 7.12 -5.86
N LEU A 52 -25.26 6.98 -4.64
CA LEU A 52 -26.63 7.38 -4.35
C LEU A 52 -26.77 8.90 -4.31
N GLU A 53 -27.94 9.38 -4.73
CA GLU A 53 -28.31 10.79 -4.63
C GLU A 53 -29.60 10.83 -3.83
N LEU A 54 -29.48 11.10 -2.53
CA LEU A 54 -30.59 11.04 -1.60
C LEU A 54 -31.00 12.45 -1.17
N GLU A 55 -32.24 12.55 -0.70
CA GLU A 55 -32.78 13.83 -0.24
C GLU A 55 -33.28 13.66 1.18
N ALA A 56 -33.17 14.74 1.96
CA ALA A 56 -33.66 14.76 3.32
C ALA A 56 -35.19 14.71 3.32
N PRO A 57 -35.80 14.31 4.45
CA PRO A 57 -35.18 13.90 5.73
C PRO A 57 -34.49 12.54 5.63
N LEU A 58 -33.65 12.21 6.60
CA LEU A 58 -32.88 10.97 6.58
C LEU A 58 -32.18 10.80 7.91
N LYS A 59 -31.90 9.56 8.28
CA LYS A 59 -31.13 9.24 9.47
C LYS A 59 -29.97 8.33 9.06
N ILE A 60 -28.77 8.68 9.51
CA ILE A 60 -27.54 8.02 9.08
C ILE A 60 -26.94 7.28 10.26
N CYS A 61 -26.56 6.01 10.04
CA CYS A 61 -26.03 5.16 11.09
C CYS A 61 -24.74 4.50 10.61
N GLY A 62 -23.93 4.10 11.58
CA GLY A 62 -22.61 3.56 11.34
C GLY A 62 -22.56 2.05 11.46
N ASP A 63 -21.43 1.54 11.93
CA ASP A 63 -21.19 0.11 11.96
C ASP A 63 -22.14 -0.58 12.92
N ILE A 64 -22.50 -1.82 12.58
CA ILE A 64 -23.30 -2.68 13.44
C ILE A 64 -22.50 -3.91 13.89
N HIS A 65 -21.83 -4.58 12.95
CA HIS A 65 -20.97 -5.72 13.25
C HIS A 65 -21.72 -6.80 14.03
N GLY A 66 -22.92 -7.12 13.54
CA GLY A 66 -23.65 -8.26 14.05
C GLY A 66 -24.21 -8.10 15.44
N GLN A 67 -24.23 -6.88 15.98
CA GLN A 67 -24.81 -6.62 17.29
C GLN A 67 -26.30 -6.36 17.10
N TYR A 68 -27.03 -7.45 16.88
CA TYR A 68 -28.38 -7.35 16.33
C TYR A 68 -29.32 -6.57 17.25
N TYR A 69 -29.29 -6.87 18.55
CA TYR A 69 -30.22 -6.20 19.45
C TYR A 69 -29.93 -4.70 19.55
N ASP A 70 -28.67 -4.31 19.43
CA ASP A 70 -28.36 -2.87 19.36
C ASP A 70 -28.98 -2.24 18.12
N LEU A 71 -29.02 -2.98 17.00
CA LEU A 71 -29.71 -2.47 15.82
C LEU A 71 -31.20 -2.29 16.09
N LEU A 72 -31.81 -3.21 16.85
CA LEU A 72 -33.22 -3.05 17.19
C LEU A 72 -33.44 -1.78 18.01
N ARG A 73 -32.69 -1.61 19.11
CA ARG A 73 -32.79 -0.38 19.87
C ARG A 73 -32.45 0.84 19.01
N LEU A 74 -31.55 0.67 18.06
CA LEU A 74 -31.32 1.72 17.07
C LEU A 74 -32.62 2.06 16.36
N PHE A 75 -33.33 1.04 15.87
CA PHE A 75 -34.61 1.30 15.19
C PHE A 75 -35.69 1.74 16.17
N GLU A 76 -35.70 1.16 17.38
CA GLU A 76 -36.74 1.46 18.34
C GLU A 76 -36.78 2.95 18.67
N TYR A 77 -35.60 3.54 18.95
CA TYR A 77 -35.55 4.95 19.30
C TYR A 77 -35.59 5.85 18.07
N GLY A 78 -35.00 5.40 16.96
CA GLY A 78 -35.03 6.20 15.75
C GLY A 78 -36.30 6.08 14.95
N GLY A 79 -37.16 5.11 15.28
CA GLY A 79 -38.39 4.92 14.55
C GLY A 79 -38.25 3.84 13.49
N PHE A 80 -38.99 2.75 13.67
CA PHE A 80 -38.91 1.66 12.71
C PHE A 80 -39.36 2.16 11.33
N PRO A 81 -38.81 1.60 10.26
CA PRO A 81 -39.26 2.00 8.93
C PRO A 81 -40.71 1.63 8.73
N PRO A 82 -41.43 2.36 7.86
CA PRO A 82 -41.00 3.52 7.06
C PRO A 82 -41.16 4.82 7.83
N GLU A 83 -41.31 4.73 9.16
CA GLU A 83 -41.51 5.94 9.96
C GLU A 83 -40.37 6.94 9.72
N SER A 84 -39.15 6.44 9.55
CA SER A 84 -37.99 7.28 9.27
C SER A 84 -37.19 6.66 8.13
N ASN A 85 -36.60 7.52 7.30
CA ASN A 85 -35.69 7.09 6.25
C ASN A 85 -34.31 6.82 6.84
N TYR A 86 -33.66 5.76 6.35
CA TYR A 86 -32.39 5.31 6.91
C TYR A 86 -31.33 5.13 5.84
N LEU A 87 -30.09 5.49 6.19
CA LEU A 87 -28.91 5.22 5.39
C LEU A 87 -27.83 4.66 6.32
N PHE A 88 -27.36 3.46 6.03
CA PHE A 88 -26.30 2.83 6.81
C PHE A 88 -25.00 2.86 6.03
N LEU A 89 -23.89 2.96 6.76
CA LEU A 89 -22.58 3.19 6.17
C LEU A 89 -21.75 1.91 6.06
N GLY A 90 -22.35 0.75 6.26
CA GLY A 90 -21.65 -0.51 6.08
C GLY A 90 -21.17 -1.11 7.39
N ASP A 91 -20.44 -2.21 7.25
CA ASP A 91 -20.00 -3.03 8.37
C ASP A 91 -21.20 -3.51 9.19
N TYR A 92 -22.02 -4.32 8.52
CA TYR A 92 -23.16 -4.96 9.17
C TYR A 92 -22.78 -6.29 9.79
N VAL A 93 -21.75 -6.95 9.26
CA VAL A 93 -21.39 -8.30 9.70
C VAL A 93 -19.99 -8.29 10.32
N ASP A 94 -19.57 -9.47 10.79
CA ASP A 94 -18.27 -9.73 11.41
C ASP A 94 -18.16 -9.25 12.85
N ARG A 95 -17.41 -10.00 13.66
CA ARG A 95 -17.06 -9.59 15.02
C ARG A 95 -18.24 -9.68 15.99
N GLY A 96 -19.45 -9.89 15.49
CA GLY A 96 -20.61 -10.08 16.32
C GLY A 96 -21.10 -11.51 16.22
N LYS A 97 -21.99 -11.87 17.15
CA LYS A 97 -22.54 -13.22 17.16
C LYS A 97 -23.82 -13.36 16.35
N GLN A 98 -24.38 -12.26 15.84
CA GLN A 98 -25.67 -12.30 15.15
C GLN A 98 -25.64 -11.46 13.88
N SER A 99 -24.60 -11.68 13.06
CA SER A 99 -24.53 -10.99 11.78
C SER A 99 -25.70 -11.37 10.87
N LEU A 100 -26.07 -12.66 10.87
CA LEU A 100 -27.11 -13.13 9.96
C LEU A 100 -28.43 -12.43 10.22
N GLU A 101 -28.82 -12.29 11.50
CA GLU A 101 -30.03 -11.55 11.82
C GLU A 101 -29.91 -10.10 11.38
N THR A 102 -28.75 -9.49 11.60
CA THR A 102 -28.58 -8.08 11.28
C THR A 102 -28.73 -7.83 9.79
N ILE A 103 -28.01 -8.60 8.98
CA ILE A 103 -28.04 -8.33 7.54
C ILE A 103 -29.40 -8.70 6.94
N CYS A 104 -30.06 -9.74 7.48
CA CYS A 104 -31.37 -10.11 6.95
C CYS A 104 -32.40 -9.01 7.22
N LEU A 105 -32.41 -8.47 8.44
CA LEU A 105 -33.34 -7.39 8.75
C LEU A 105 -33.09 -6.18 7.86
N LEU A 106 -31.82 -5.80 7.68
CA LEU A 106 -31.51 -4.66 6.82
C LEU A 106 -31.90 -4.94 5.37
N LEU A 107 -31.62 -6.15 4.88
CA LEU A 107 -31.98 -6.47 3.51
C LEU A 107 -33.49 -6.54 3.33
N ALA A 108 -34.20 -7.06 4.35
CA ALA A 108 -35.65 -7.10 4.27
C ALA A 108 -36.24 -5.70 4.13
N TYR A 109 -35.79 -4.78 5.00
CA TYR A 109 -36.27 -3.40 4.92
C TYR A 109 -35.95 -2.77 3.57
N LYS A 110 -34.77 -3.05 3.03
CA LYS A 110 -34.42 -2.52 1.72
C LYS A 110 -35.39 -3.00 0.65
N ILE A 111 -35.73 -4.30 0.66
CA ILE A 111 -36.69 -4.82 -0.30
C ILE A 111 -38.07 -4.18 -0.07
N LYS A 112 -38.47 -4.08 1.21
CA LYS A 112 -39.78 -3.54 1.52
C LYS A 112 -39.87 -2.05 1.20
N TYR A 113 -38.81 -1.29 1.47
CA TYR A 113 -38.83 0.17 1.32
C TYR A 113 -37.64 0.63 0.48
N PRO A 114 -37.59 0.21 -0.79
CA PRO A 114 -36.37 0.46 -1.59
C PRO A 114 -36.04 1.93 -1.77
N GLU A 115 -37.03 2.82 -1.76
CA GLU A 115 -36.81 4.24 -2.00
C GLU A 115 -36.69 5.05 -0.70
N ASN A 116 -36.71 4.38 0.46
CA ASN A 116 -36.61 5.07 1.73
C ASN A 116 -35.69 4.36 2.71
N PHE A 117 -34.90 3.40 2.25
CA PHE A 117 -33.99 2.64 3.10
C PHE A 117 -32.79 2.29 2.25
N PHE A 118 -31.59 2.60 2.74
CA PHE A 118 -30.39 2.47 1.93
C PHE A 118 -29.26 1.88 2.76
N LEU A 119 -28.43 1.09 2.10
CA LEU A 119 -27.32 0.40 2.73
C LEU A 119 -26.07 0.63 1.90
N LEU A 120 -24.99 1.05 2.55
CA LEU A 120 -23.71 1.25 1.90
C LEU A 120 -22.77 0.09 2.24
N ARG A 121 -21.74 -0.06 1.40
CA ARG A 121 -20.79 -1.16 1.53
C ARG A 121 -19.64 -0.76 2.46
N GLY A 122 -19.46 -1.50 3.54
CA GLY A 122 -18.29 -1.35 4.37
C GLY A 122 -17.16 -2.29 3.94
N ASN A 123 -16.01 -2.12 4.58
CA ASN A 123 -14.86 -2.98 4.25
C ASN A 123 -15.12 -4.43 4.66
N HIS A 124 -16.04 -4.67 5.57
CA HIS A 124 -16.39 -6.03 5.97
C HIS A 124 -17.45 -6.66 5.08
N GLU A 125 -18.02 -5.92 4.12
CA GLU A 125 -18.89 -6.54 3.11
C GLU A 125 -18.07 -7.00 1.90
N CYS A 126 -17.01 -7.77 2.18
CA CYS A 126 -16.05 -8.25 1.19
C CYS A 126 -15.66 -9.65 1.58
N ALA A 127 -15.60 -10.56 0.59
CA ALA A 127 -15.36 -11.96 0.91
C ALA A 127 -14.02 -12.15 1.60
N SER A 128 -12.97 -11.46 1.12
CA SER A 128 -11.65 -11.67 1.69
C SER A 128 -11.60 -11.29 3.16
N ILE A 129 -12.48 -10.41 3.62
CA ILE A 129 -12.47 -9.94 5.00
C ILE A 129 -13.43 -10.74 5.88
N ASN A 130 -14.69 -10.84 5.46
CA ASN A 130 -15.66 -11.55 6.30
C ASN A 130 -15.41 -13.06 6.31
N ARG A 131 -14.60 -13.57 5.39
CA ARG A 131 -14.14 -14.96 5.47
C ARG A 131 -13.33 -15.21 6.72
N ILE A 132 -12.79 -14.15 7.33
CA ILE A 132 -11.84 -14.27 8.42
C ILE A 132 -12.41 -13.82 9.75
N TYR A 133 -13.28 -12.80 9.77
CA TYR A 133 -13.68 -12.15 11.01
C TYR A 133 -15.10 -12.50 11.43
N GLY A 134 -15.63 -13.63 10.96
CA GLY A 134 -16.82 -14.20 11.57
C GLY A 134 -17.97 -14.60 10.66
N PHE A 135 -18.26 -13.82 9.62
CA PHE A 135 -19.47 -14.06 8.86
C PHE A 135 -19.45 -15.41 8.18
N TYR A 136 -18.30 -15.81 7.62
CA TYR A 136 -18.20 -17.12 6.99
C TYR A 136 -18.44 -18.23 8.01
N ASP A 137 -17.83 -18.11 9.19
CA ASP A 137 -18.04 -19.11 10.23
C ASP A 137 -19.50 -19.16 10.64
N GLU A 138 -20.13 -18.01 10.80
CA GLU A 138 -21.54 -17.97 11.18
C GLU A 138 -22.42 -18.62 10.11
N CYS A 139 -22.09 -18.39 8.84
CA CYS A 139 -22.83 -19.04 7.76
C CYS A 139 -22.60 -20.55 7.74
N LYS A 140 -21.35 -20.98 7.97
CA LYS A 140 -21.07 -22.41 7.98
C LYS A 140 -21.81 -23.10 9.12
N ARG A 141 -21.83 -22.48 10.30
CA ARG A 141 -22.41 -23.12 11.47
C ARG A 141 -23.93 -23.25 11.34
N ARG A 142 -24.61 -22.16 10.95
CA ARG A 142 -26.07 -22.09 10.96
C ARG A 142 -26.71 -22.38 9.60
N TYR A 143 -25.91 -22.42 8.54
CA TYR A 143 -26.37 -22.73 7.18
C TYR A 143 -25.17 -23.42 6.50
N ASN A 144 -25.14 -23.39 5.18
CA ASN A 144 -24.00 -23.91 4.43
C ASN A 144 -23.17 -22.75 3.86
N ILE A 145 -21.96 -23.08 3.40
CA ILE A 145 -21.07 -22.06 2.85
C ILE A 145 -21.62 -21.54 1.52
N LYS A 146 -22.43 -22.33 0.83
CA LYS A 146 -23.08 -21.86 -0.39
C LYS A 146 -23.90 -20.60 -0.11
N LEU A 147 -24.50 -20.51 1.07
CA LEU A 147 -25.22 -19.29 1.45
C LEU A 147 -24.27 -18.11 1.59
N TRP A 148 -23.05 -18.36 2.11
CA TRP A 148 -22.05 -17.31 2.22
C TRP A 148 -21.64 -16.80 0.85
N LYS A 149 -21.48 -17.70 -0.13
CA LYS A 149 -21.21 -17.27 -1.49
C LYS A 149 -22.35 -16.42 -2.03
N THR A 150 -23.58 -16.72 -1.60
CA THR A 150 -24.72 -15.93 -2.05
C THR A 150 -24.69 -14.54 -1.47
N PHE A 151 -24.31 -14.41 -0.20
CA PHE A 151 -24.15 -13.10 0.40
C PHE A 151 -23.04 -12.32 -0.29
N THR A 152 -21.99 -13.01 -0.75
CA THR A 152 -20.92 -12.33 -1.46
C THR A 152 -21.43 -11.70 -2.74
N ASP A 153 -22.25 -12.43 -3.51
CA ASP A 153 -22.79 -11.87 -4.74
C ASP A 153 -23.70 -10.67 -4.45
N CYS A 154 -24.42 -10.70 -3.34
CA CYS A 154 -25.22 -9.54 -2.96
C CYS A 154 -24.34 -8.38 -2.50
N PHE A 155 -23.33 -8.66 -1.67
CA PHE A 155 -22.48 -7.58 -1.16
C PHE A 155 -21.73 -6.90 -2.30
N ASN A 156 -21.29 -7.68 -3.29
CA ASN A 156 -20.55 -7.14 -4.42
C ASN A 156 -21.34 -6.12 -5.23
N CYS A 157 -22.63 -5.94 -4.93
CA CYS A 157 -23.47 -4.99 -5.64
C CYS A 157 -23.95 -3.85 -4.76
N LEU A 158 -23.52 -3.80 -3.50
CA LEU A 158 -23.92 -2.70 -2.64
C LEU A 158 -23.40 -1.37 -3.20
N PRO A 159 -24.13 -0.28 -2.99
CA PRO A 159 -23.61 1.04 -3.37
C PRO A 159 -22.44 1.42 -2.49
N ILE A 160 -21.57 2.27 -3.01
CA ILE A 160 -20.33 2.63 -2.33
C ILE A 160 -20.48 3.91 -1.51
N ALA A 161 -21.13 4.94 -2.08
CA ALA A 161 -21.20 6.24 -1.42
C ALA A 161 -22.56 6.87 -1.71
N ALA A 162 -22.93 7.82 -0.85
CA ALA A 162 -24.19 8.55 -1.00
C ALA A 162 -23.94 10.03 -0.79
N ILE A 163 -24.60 10.86 -1.61
CA ILE A 163 -24.58 12.31 -1.49
C ILE A 163 -25.99 12.76 -1.12
N VAL A 164 -26.11 13.43 0.02
CA VAL A 164 -27.39 13.89 0.53
C VAL A 164 -27.57 15.36 0.15
N ASP A 165 -28.60 15.66 -0.62
CA ASP A 165 -28.94 17.04 -0.98
C ASP A 165 -27.78 17.72 -1.70
N GLU A 166 -26.93 16.96 -2.37
CA GLU A 166 -25.80 17.48 -3.10
C GLU A 166 -24.78 18.20 -2.20
N LYS A 167 -24.88 18.01 -0.87
CA LYS A 167 -24.01 18.75 0.03
C LYS A 167 -23.28 17.87 1.05
N ILE A 168 -23.86 16.73 1.42
CA ILE A 168 -23.25 15.82 2.38
C ILE A 168 -22.78 14.58 1.62
N PHE A 169 -21.50 14.26 1.75
CA PHE A 169 -20.90 13.11 1.08
C PHE A 169 -20.71 11.99 2.10
N CYS A 170 -21.25 10.81 1.77
CA CYS A 170 -21.31 9.69 2.70
C CYS A 170 -20.61 8.47 2.13
N CYS A 171 -19.79 7.82 2.94
CA CYS A 171 -19.15 6.56 2.59
C CYS A 171 -18.61 5.93 3.87
N HIS A 172 -18.18 4.69 3.78
CA HIS A 172 -17.76 3.97 4.97
C HIS A 172 -16.41 4.46 5.46
N GLY A 173 -15.39 4.34 4.61
CA GLY A 173 -14.04 4.67 5.03
C GLY A 173 -13.70 6.14 5.01
N GLY A 174 -13.64 6.72 3.82
CA GLY A 174 -13.19 8.11 3.70
C GLY A 174 -12.75 8.42 2.29
N LEU A 175 -11.79 9.34 2.19
CA LEU A 175 -11.37 9.89 0.91
C LEU A 175 -10.22 9.08 0.31
N SER A 176 -9.98 9.30 -0.97
CA SER A 176 -8.92 8.65 -1.72
C SER A 176 -8.08 9.69 -2.44
N PRO A 177 -6.76 9.52 -2.49
CA PRO A 177 -5.95 10.45 -3.31
C PRO A 177 -6.26 10.36 -4.79
N ASP A 178 -6.90 9.29 -5.25
CA ASP A 178 -7.24 9.15 -6.65
C ASP A 178 -8.55 9.83 -7.00
N LEU A 179 -9.30 10.32 -6.03
CA LEU A 179 -10.65 10.82 -6.25
C LEU A 179 -10.58 12.28 -6.68
N GLN A 180 -10.78 12.53 -7.97
CA GLN A 180 -10.84 13.87 -8.53
C GLN A 180 -12.25 14.31 -8.88
N SER A 181 -13.02 13.45 -9.54
CA SER A 181 -14.41 13.72 -9.88
C SER A 181 -15.28 12.56 -9.44
N MET A 182 -16.54 12.86 -9.14
CA MET A 182 -17.46 11.80 -8.76
C MET A 182 -17.69 10.80 -9.88
N GLU A 183 -17.46 11.19 -11.13
CA GLU A 183 -17.64 10.25 -12.23
C GLU A 183 -16.71 9.04 -12.09
N GLN A 184 -15.60 9.18 -11.36
CA GLN A 184 -14.74 8.04 -11.10
C GLN A 184 -15.46 7.00 -10.25
N ILE A 185 -16.31 7.43 -9.33
CA ILE A 185 -17.12 6.49 -8.57
C ILE A 185 -18.20 5.89 -9.45
N ARG A 186 -18.94 6.74 -10.18
CA ARG A 186 -20.09 6.26 -10.93
C ARG A 186 -19.68 5.25 -12.00
N ARG A 187 -18.45 5.35 -12.51
CA ARG A 187 -18.02 4.41 -13.55
C ARG A 187 -17.73 3.03 -13.00
N ILE A 188 -17.63 2.88 -11.68
CA ILE A 188 -17.36 1.57 -11.10
C ILE A 188 -18.51 0.63 -11.42
N MET A 189 -18.20 -0.52 -12.00
CA MET A 189 -19.19 -1.50 -12.41
C MET A 189 -19.36 -2.56 -11.34
N ARG A 190 -20.61 -3.01 -11.16
CA ARG A 190 -20.94 -4.06 -10.22
C ARG A 190 -21.46 -5.28 -10.97
N PRO A 191 -21.35 -6.48 -10.41
CA PRO A 191 -20.72 -6.81 -9.12
C PRO A 191 -19.19 -6.70 -9.17
N THR A 192 -18.57 -6.30 -8.08
CA THR A 192 -17.13 -6.20 -8.03
C THR A 192 -16.65 -6.56 -6.63
N ASP A 193 -15.51 -7.26 -6.57
CA ASP A 193 -14.81 -7.41 -5.31
C ASP A 193 -14.15 -6.08 -4.94
N VAL A 194 -13.75 -5.96 -3.68
CA VAL A 194 -13.01 -4.80 -3.21
C VAL A 194 -11.52 -5.10 -3.38
N PRO A 195 -10.81 -4.43 -4.27
CA PRO A 195 -9.39 -4.72 -4.45
C PRO A 195 -8.57 -4.28 -3.24
N ASP A 196 -7.34 -4.79 -3.18
CA ASP A 196 -6.42 -4.41 -2.11
C ASP A 196 -5.89 -3.00 -2.26
N GLN A 197 -6.12 -2.35 -3.41
CA GLN A 197 -5.62 -1.00 -3.64
C GLN A 197 -6.48 -0.35 -4.71
N GLY A 198 -6.59 0.97 -4.65
CA GLY A 198 -7.34 1.74 -5.62
C GLY A 198 -8.41 2.56 -4.95
N LEU A 199 -9.24 3.20 -5.80
CA LEU A 199 -10.26 4.12 -5.32
C LEU A 199 -11.26 3.40 -4.43
N LEU A 200 -11.83 2.30 -4.92
CA LEU A 200 -12.83 1.59 -4.14
C LEU A 200 -12.27 1.15 -2.80
N CYS A 201 -11.03 0.66 -2.78
CA CYS A 201 -10.41 0.26 -1.53
C CYS A 201 -10.38 1.42 -0.53
N ASP A 202 -9.91 2.58 -0.98
CA ASP A 202 -9.73 3.70 -0.07
C ASP A 202 -11.06 4.18 0.50
N LEU A 203 -12.11 4.22 -0.34
CA LEU A 203 -13.42 4.66 0.13
C LEU A 203 -13.93 3.80 1.28
N LEU A 204 -13.54 2.53 1.32
CA LEU A 204 -13.98 1.63 2.37
C LEU A 204 -12.99 1.49 3.52
N TRP A 205 -11.78 2.06 3.40
CA TRP A 205 -10.76 1.78 4.39
C TRP A 205 -10.09 3.00 5.01
N SER A 206 -10.02 4.12 4.28
CA SER A 206 -9.20 5.24 4.71
C SER A 206 -9.75 5.89 5.99
N ASP A 207 -8.85 6.51 6.75
CA ASP A 207 -9.19 7.13 8.02
C ASP A 207 -8.69 8.58 8.06
N PRO A 208 -9.43 9.49 8.68
CA PRO A 208 -8.85 10.80 9.01
C PRO A 208 -7.88 10.65 10.16
N ASP A 209 -6.88 11.54 10.18
CA ASP A 209 -5.86 11.53 11.23
C ASP A 209 -5.44 12.97 11.49
N LYS A 210 -5.53 13.40 12.74
CA LYS A 210 -5.18 14.78 13.08
C LYS A 210 -3.68 15.02 12.91
N ASP A 211 -2.85 14.02 13.23
CA ASP A 211 -1.40 14.19 13.26
C ASP A 211 -0.74 14.08 11.89
N VAL A 212 -1.50 14.00 10.81
CA VAL A 212 -0.96 13.79 9.47
C VAL A 212 -1.19 15.05 8.64
N GLN A 213 -0.15 15.52 7.99
CA GLN A 213 -0.26 16.59 6.99
C GLN A 213 -0.34 15.93 5.61
N GLY A 214 -1.46 16.12 4.94
CA GLY A 214 -1.64 15.49 3.64
C GLY A 214 -2.07 14.05 3.79
N TRP A 215 -1.46 13.17 3.02
CA TRP A 215 -1.74 11.74 3.05
C TRP A 215 -0.68 10.97 3.81
N GLY A 216 -1.09 9.88 4.44
CA GLY A 216 -0.18 9.03 5.18
C GLY A 216 -0.61 7.58 5.14
N GLU A 217 0.31 6.70 5.49
CA GLU A 217 0.02 5.28 5.52
C GLU A 217 -0.94 4.95 6.65
N ASN A 218 -1.79 3.96 6.42
CA ASN A 218 -2.80 3.54 7.37
C ASN A 218 -2.29 2.35 8.18
N ASP A 219 -2.46 2.43 9.50
CA ASP A 219 -1.97 1.37 10.38
C ASP A 219 -2.67 0.03 10.12
N ARG A 220 -3.82 0.04 9.45
CA ARG A 220 -4.52 -1.19 9.14
C ARG A 220 -3.79 -2.03 8.10
N GLY A 221 -2.76 -1.49 7.46
CA GLY A 221 -2.06 -2.21 6.41
C GLY A 221 -2.70 -2.11 5.05
N VAL A 222 -3.73 -1.29 4.92
CA VAL A 222 -4.44 -1.09 3.65
C VAL A 222 -4.83 0.38 3.57
N SER A 223 -4.77 0.93 2.36
CA SER A 223 -5.24 2.30 2.13
C SER A 223 -4.42 3.29 2.95
N PHE A 224 -4.98 4.48 3.18
CA PHE A 224 -4.20 5.63 3.62
C PHE A 224 -4.90 6.34 4.78
N THR A 225 -4.25 7.39 5.26
CA THR A 225 -4.82 8.34 6.21
C THR A 225 -4.73 9.73 5.60
N PHE A 226 -5.70 10.58 5.92
CA PHE A 226 -5.77 11.93 5.35
C PHE A 226 -6.00 12.93 6.47
N GLY A 227 -5.46 14.13 6.27
CA GLY A 227 -5.55 15.20 7.24
C GLY A 227 -6.68 16.17 6.96
N ALA A 228 -6.74 17.23 7.78
CA ALA A 228 -7.85 18.16 7.69
C ALA A 228 -7.82 18.98 6.41
N GLU A 229 -6.63 19.37 5.94
CA GLU A 229 -6.56 20.17 4.73
C GLU A 229 -7.14 19.42 3.54
N VAL A 230 -6.87 18.11 3.46
CA VAL A 230 -7.40 17.31 2.37
C VAL A 230 -8.92 17.32 2.40
N VAL A 231 -9.51 17.27 3.59
CA VAL A 231 -10.97 17.33 3.72
C VAL A 231 -11.48 18.67 3.20
N ALA A 232 -10.88 19.77 3.66
CA ALA A 232 -11.38 21.09 3.29
C ALA A 232 -11.28 21.31 1.79
N LYS A 233 -10.16 20.93 1.19
CA LYS A 233 -10.02 21.08 -0.25
C LYS A 233 -11.04 20.25 -1.00
N PHE A 234 -11.28 19.02 -0.53
CA PHE A 234 -12.25 18.14 -1.17
C PHE A 234 -13.63 18.76 -1.16
N LEU A 235 -14.06 19.25 0.00
CA LEU A 235 -15.37 19.89 0.08
C LEU A 235 -15.44 21.14 -0.79
N HIS A 236 -14.40 21.96 -0.76
CA HIS A 236 -14.38 23.17 -1.58
C HIS A 236 -14.54 22.83 -3.05
N LYS A 237 -13.75 21.86 -3.54
CA LYS A 237 -13.69 21.63 -4.98
C LYS A 237 -15.02 21.15 -5.54
N HIS A 238 -15.79 20.38 -4.77
CA HIS A 238 -17.02 19.79 -5.26
C HIS A 238 -18.27 20.48 -4.72
N ASP A 239 -18.11 21.59 -4.00
CA ASP A 239 -19.23 22.33 -3.43
C ASP A 239 -20.01 21.49 -2.42
N LEU A 240 -19.30 20.78 -1.56
CA LEU A 240 -19.91 20.07 -0.43
C LEU A 240 -19.57 20.81 0.86
N ASP A 241 -20.20 20.36 1.95
CA ASP A 241 -19.98 21.00 3.25
C ASP A 241 -19.81 20.02 4.40
N LEU A 242 -19.90 18.73 4.15
CA LEU A 242 -19.69 17.76 5.23
C LEU A 242 -19.39 16.40 4.63
N ILE A 243 -18.48 15.68 5.27
CA ILE A 243 -18.20 14.29 4.94
C ILE A 243 -18.64 13.46 6.14
N CYS A 244 -19.52 12.50 5.87
CA CYS A 244 -20.10 11.64 6.90
C CYS A 244 -19.61 10.23 6.66
N ARG A 245 -18.95 9.64 7.66
CA ARG A 245 -18.35 8.34 7.49
C ARG A 245 -18.38 7.60 8.83
N ALA A 246 -17.74 6.43 8.85
CA ALA A 246 -17.82 5.44 9.91
C ALA A 246 -16.46 4.75 9.95
N HIS A 247 -16.40 3.50 10.40
CA HIS A 247 -15.22 2.62 10.29
C HIS A 247 -14.23 2.81 11.43
N GLN A 248 -14.47 3.73 12.37
CA GLN A 248 -13.62 3.89 13.53
C GLN A 248 -14.46 4.03 14.78
N VAL A 249 -14.04 3.35 15.84
CA VAL A 249 -14.73 3.43 17.13
C VAL A 249 -14.47 4.80 17.76
N VAL A 250 -15.54 5.49 18.13
CA VAL A 250 -15.47 6.76 18.82
C VAL A 250 -16.24 6.63 20.12
N GLU A 251 -15.64 7.08 21.22
CA GLU A 251 -16.17 6.78 22.54
C GLU A 251 -17.58 7.30 22.73
N ASP A 252 -17.94 8.39 22.05
CA ASP A 252 -19.25 9.01 22.22
C ASP A 252 -20.20 8.70 21.07
N GLY A 253 -19.89 7.70 20.25
CA GLY A 253 -20.75 7.34 19.15
C GLY A 253 -20.61 8.26 17.95
N TYR A 254 -20.21 9.50 18.20
CA TYR A 254 -19.91 10.45 17.16
C TYR A 254 -18.61 11.17 17.50
N GLU A 255 -17.99 11.75 16.47
CA GLU A 255 -16.76 12.50 16.65
C GLU A 255 -16.50 13.34 15.41
N PHE A 256 -16.27 14.63 15.60
CA PHE A 256 -16.02 15.54 14.49
C PHE A 256 -14.53 15.58 14.15
N PHE A 257 -14.22 16.04 12.95
CA PHE A 257 -12.85 16.15 12.48
C PHE A 257 -12.75 17.32 11.52
N ALA A 258 -11.63 18.04 11.58
CA ALA A 258 -11.39 19.22 10.76
C ALA A 258 -12.52 20.24 10.95
N LYS A 259 -12.69 20.67 12.20
CA LYS A 259 -13.77 21.56 12.60
C LYS A 259 -15.11 20.82 12.51
N ARG A 260 -15.96 21.20 11.55
CA ARG A 260 -17.23 20.52 11.35
C ARG A 260 -17.36 19.99 9.93
N GLN A 261 -16.24 19.76 9.25
CA GLN A 261 -16.24 19.32 7.86
C GLN A 261 -16.24 17.81 7.70
N LEU A 262 -16.05 17.07 8.77
CA LEU A 262 -16.12 15.61 8.71
C LEU A 262 -16.60 15.11 10.06
N VAL A 263 -17.46 14.08 10.01
CA VAL A 263 -17.99 13.44 11.21
C VAL A 263 -17.86 11.93 11.03
N THR A 264 -17.58 11.23 12.13
CA THR A 264 -17.47 9.78 12.16
C THR A 264 -18.60 9.23 13.02
N LEU A 265 -19.37 8.29 12.47
CA LEU A 265 -20.49 7.67 13.17
C LEU A 265 -20.20 6.20 13.41
N PHE A 266 -20.58 5.73 14.60
CA PHE A 266 -20.39 4.34 15.00
C PHE A 266 -21.58 3.96 15.86
N SER A 267 -22.30 2.90 15.45
CA SER A 267 -23.60 2.56 16.03
C SER A 267 -23.59 1.17 16.65
N ALA A 268 -22.47 0.79 17.26
CA ALA A 268 -22.33 -0.53 17.90
C ALA A 268 -21.77 -0.33 19.30
N PRO A 269 -22.64 -0.06 20.28
CA PRO A 269 -22.14 0.20 21.64
C PRO A 269 -21.32 -0.96 22.17
N ASN A 270 -20.28 -0.62 22.95
CA ASN A 270 -19.35 -1.60 23.50
C ASN A 270 -18.91 -2.58 22.40
N TYR A 271 -18.25 -2.01 21.38
CA TYR A 271 -17.88 -2.75 20.18
C TYR A 271 -17.28 -4.11 20.53
N CYS A 272 -17.95 -5.16 20.05
CA CYS A 272 -17.57 -6.55 20.32
C CYS A 272 -17.16 -6.76 21.78
N GLY A 273 -17.84 -6.08 22.70
CA GLY A 273 -17.63 -6.34 24.12
C GLY A 273 -16.24 -6.06 24.62
N GLU A 274 -15.43 -5.33 23.85
CA GLU A 274 -14.09 -4.97 24.26
C GLU A 274 -13.89 -3.47 24.35
N PHE A 275 -14.94 -2.67 24.13
CA PHE A 275 -14.88 -1.22 24.25
C PHE A 275 -16.00 -0.74 25.16
N ASP A 276 -15.86 0.49 25.63
CA ASP A 276 -16.88 1.18 26.41
C ASP A 276 -17.73 2.08 25.54
N ASN A 277 -17.40 2.21 24.26
CA ASN A 277 -17.97 3.26 23.43
C ASN A 277 -19.49 3.14 23.38
N ALA A 278 -20.13 4.27 23.09
CA ALA A 278 -21.55 4.35 22.85
C ALA A 278 -21.82 4.44 21.34
N GLY A 279 -23.07 4.15 20.96
CA GLY A 279 -23.49 4.30 19.60
C GLY A 279 -24.19 5.63 19.38
N ALA A 280 -24.30 6.03 18.11
CA ALA A 280 -24.94 7.29 17.78
C ALA A 280 -25.43 7.25 16.34
N MET A 281 -26.34 8.17 16.02
CA MET A 281 -26.86 8.31 14.67
C MET A 281 -27.02 9.79 14.34
N MET A 282 -27.27 10.07 13.08
CA MET A 282 -27.42 11.43 12.57
C MET A 282 -28.79 11.60 11.91
N SER A 283 -29.53 12.61 12.35
CA SER A 283 -30.81 12.95 11.75
C SER A 283 -30.66 14.24 10.94
N VAL A 284 -31.10 14.19 9.69
CA VAL A 284 -31.09 15.34 8.80
C VAL A 284 -32.52 15.63 8.38
N ASP A 285 -32.98 16.87 8.60
CA ASP A 285 -34.34 17.25 8.32
C ASP A 285 -34.43 17.94 6.96
N GLU A 286 -35.63 18.42 6.61
CA GLU A 286 -35.83 19.04 5.31
C GLU A 286 -34.97 20.30 5.15
N THR A 287 -34.61 20.95 6.26
CA THR A 287 -33.79 22.15 6.24
C THR A 287 -32.31 21.85 6.45
N LEU A 288 -31.92 20.58 6.41
CA LEU A 288 -30.53 20.16 6.54
C LEU A 288 -29.96 20.48 7.90
N MET A 289 -30.81 20.49 8.92
CA MET A 289 -30.37 20.53 10.31
C MET A 289 -29.88 19.15 10.71
N CYS A 290 -28.73 19.10 11.38
CA CYS A 290 -28.11 17.84 11.77
C CYS A 290 -28.06 17.75 13.29
N SER A 291 -28.51 16.62 13.83
CA SER A 291 -28.58 16.41 15.26
C SER A 291 -28.13 14.98 15.56
N PHE A 292 -27.81 14.73 16.82
CA PHE A 292 -27.20 13.48 17.25
C PHE A 292 -28.06 12.81 18.31
N GLN A 293 -28.35 11.54 18.09
CA GLN A 293 -29.02 10.70 19.07
C GLN A 293 -28.03 9.62 19.48
N ILE A 294 -27.75 9.52 20.76
CA ILE A 294 -26.70 8.67 21.29
C ILE A 294 -27.35 7.44 21.91
N LEU A 295 -26.83 6.25 21.58
CA LEU A 295 -27.32 5.01 22.14
C LEU A 295 -26.30 4.56 23.17
N LYS A 296 -26.44 5.08 24.39
CA LYS A 296 -25.53 4.76 25.49
C LYS A 296 -26.09 3.61 26.32
N PRO A 297 -25.34 2.53 26.54
CA PRO A 297 -25.77 1.49 27.48
C PRO A 297 -26.25 2.03 28.81
N GLN A 335 5.98 -31.63 4.40
CA GLN A 335 5.41 -31.44 5.72
C GLN A 335 4.59 -32.65 6.14
N PHE A 336 4.27 -33.50 5.18
CA PHE A 336 3.45 -34.70 5.40
C PHE A 336 3.44 -35.51 4.11
N GLU A 337 3.52 -36.83 4.24
CA GLU A 337 3.58 -37.72 3.08
C GLU A 337 2.67 -38.92 3.31
N MET A 338 2.23 -39.53 2.21
CA MET A 338 1.30 -40.65 2.30
C MET A 338 1.16 -41.29 0.92
N ASP A 339 1.18 -42.62 0.89
CA ASP A 339 0.98 -43.38 -0.34
C ASP A 339 -0.46 -43.87 -0.41
N ILE A 340 -1.08 -43.71 -1.57
CA ILE A 340 -2.47 -44.10 -1.77
C ILE A 340 -2.60 -44.98 -3.02
N ASN B 37 -21.56 30.45 1.94
CA ASN B 37 -21.55 29.47 0.86
C ASN B 37 -22.25 28.18 1.29
N ARG B 38 -22.11 27.83 2.56
CA ARG B 38 -22.67 26.60 3.07
C ARG B 38 -24.20 26.65 3.08
N LYS B 39 -24.83 25.55 2.66
CA LYS B 39 -26.28 25.41 2.71
C LYS B 39 -26.74 24.41 3.77
N ILE B 40 -25.83 23.89 4.58
CA ILE B 40 -26.19 23.00 5.66
C ILE B 40 -26.16 23.77 6.97
N LYS B 41 -26.66 23.15 8.04
CA LYS B 41 -26.67 23.75 9.36
C LYS B 41 -26.43 22.64 10.38
N PHE B 42 -26.32 23.03 11.65
CA PHE B 42 -26.11 22.08 12.73
C PHE B 42 -26.92 22.55 13.94
N SER B 43 -27.22 21.61 14.82
CA SER B 43 -28.14 21.85 15.92
C SER B 43 -27.39 22.19 17.19
N SER B 44 -27.77 23.30 17.82
CA SER B 44 -27.29 23.67 19.14
C SER B 44 -28.16 23.12 20.25
N ALA B 45 -29.30 22.50 19.92
CA ALA B 45 -30.18 21.95 20.93
C ALA B 45 -29.49 20.77 21.64
N PRO B 46 -29.91 20.46 22.87
CA PRO B 46 -29.25 19.38 23.61
C PRO B 46 -29.29 18.07 22.83
N ILE B 47 -28.38 17.18 23.20
CA ILE B 47 -28.25 15.87 22.55
C ILE B 47 -29.04 14.85 23.35
N LYS B 48 -29.83 14.04 22.65
CA LYS B 48 -30.67 13.03 23.29
C LYS B 48 -29.87 11.74 23.48
N VAL B 49 -29.85 11.25 24.71
CA VAL B 49 -29.09 10.05 25.07
C VAL B 49 -30.11 8.99 25.46
N PHE B 50 -30.44 8.11 24.52
CA PHE B 50 -31.29 6.97 24.82
C PHE B 50 -30.45 5.85 25.44
N ASN B 51 -31.06 5.10 26.34
CA ASN B 51 -30.36 4.02 27.02
C ASN B 51 -30.38 2.74 26.20
N THR B 52 -29.48 1.83 26.55
CA THR B 52 -29.30 0.59 25.79
C THR B 52 -28.79 -0.48 26.74
N TYR B 53 -28.90 -1.73 26.30
CA TYR B 53 -28.49 -2.86 27.12
C TYR B 53 -27.07 -2.67 27.66
N SER B 54 -26.87 -3.09 28.90
CA SER B 54 -25.54 -3.08 29.50
C SER B 54 -24.73 -4.25 28.96
N ASN B 55 -23.53 -4.45 29.50
CA ASN B 55 -22.74 -5.62 29.14
C ASN B 55 -23.26 -6.88 29.80
N GLU B 56 -23.85 -6.76 30.99
CA GLU B 56 -24.46 -7.93 31.64
C GLU B 56 -25.70 -8.39 30.87
N ASP B 57 -26.58 -7.45 30.50
CA ASP B 57 -27.77 -7.80 29.75
C ASP B 57 -27.42 -8.34 28.36
N TYR B 58 -26.48 -7.68 27.67
CA TYR B 58 -26.11 -8.01 26.30
C TYR B 58 -24.61 -8.29 26.26
N ASP B 59 -24.24 -9.57 26.21
CA ASP B 59 -22.83 -9.95 26.09
C ASP B 59 -22.45 -9.87 24.61
N ARG B 60 -21.79 -8.77 24.24
CA ARG B 60 -21.39 -8.54 22.86
C ARG B 60 -20.05 -9.19 22.52
N ARG B 61 -19.37 -9.79 23.49
CA ARG B 61 -18.11 -10.45 23.23
C ARG B 61 -18.32 -11.68 22.34
N ASN B 62 -17.30 -12.00 21.56
CA ASN B 62 -17.33 -13.20 20.71
C ASN B 62 -15.90 -13.74 20.64
N ASP B 63 -15.60 -14.72 21.48
CA ASP B 63 -14.29 -15.36 21.49
C ASP B 63 -14.17 -16.48 20.46
N GLU B 64 -15.24 -16.77 19.72
CA GLU B 64 -15.21 -17.82 18.71
C GLU B 64 -14.43 -17.39 17.46
N VAL B 65 -14.31 -16.10 17.19
CA VAL B 65 -13.63 -15.65 15.99
C VAL B 65 -12.16 -16.00 16.10
N ASP B 66 -11.62 -16.61 15.05
CA ASP B 66 -10.22 -17.05 15.00
C ASP B 66 -9.61 -16.64 13.67
N PRO B 67 -9.19 -15.37 13.54
CA PRO B 67 -8.64 -14.91 12.26
C PRO B 67 -7.41 -15.68 11.79
N VAL B 68 -6.55 -16.14 12.71
CA VAL B 68 -5.34 -16.85 12.29
C VAL B 68 -5.71 -18.15 11.57
N ALA B 69 -6.63 -18.93 12.14
CA ALA B 69 -7.00 -20.19 11.50
C ALA B 69 -7.70 -19.93 10.17
N ALA B 70 -8.66 -19.00 10.16
CA ALA B 70 -9.42 -18.73 8.94
C ALA B 70 -8.50 -18.22 7.84
N SER B 71 -7.56 -17.35 8.18
CA SER B 71 -6.64 -16.82 7.17
C SER B 71 -5.82 -17.94 6.54
N ALA B 72 -5.38 -18.90 7.35
CA ALA B 72 -4.63 -20.02 6.82
C ALA B 72 -5.47 -20.82 5.83
N GLU B 73 -6.73 -21.10 6.18
CA GLU B 73 -7.61 -21.77 5.25
C GLU B 73 -7.83 -20.93 3.99
N TYR B 74 -8.04 -19.63 4.16
CA TYR B 74 -8.39 -18.79 3.02
C TYR B 74 -7.27 -18.70 2.02
N GLU B 75 -6.01 -18.68 2.48
CA GLU B 75 -4.89 -18.60 1.55
C GLU B 75 -4.86 -19.81 0.63
N LEU B 76 -5.09 -21.01 1.17
CA LEU B 76 -5.18 -22.20 0.32
C LEU B 76 -6.34 -22.08 -0.66
N GLU B 77 -7.48 -21.56 -0.20
CA GLU B 77 -8.64 -21.43 -1.08
C GLU B 77 -8.36 -20.47 -2.23
N LYS B 78 -7.59 -19.41 -1.96
CA LYS B 78 -7.27 -18.44 -3.01
C LYS B 78 -6.46 -19.09 -4.13
N ARG B 79 -5.47 -19.91 -3.78
CA ARG B 79 -4.64 -20.54 -4.81
C ARG B 79 -5.47 -21.44 -5.72
N VAL B 80 -6.42 -22.18 -5.16
CA VAL B 80 -7.23 -23.09 -5.97
C VAL B 80 -8.03 -22.33 -7.01
N GLU B 81 -8.55 -21.16 -6.64
CA GLU B 81 -9.34 -20.37 -7.59
C GLU B 81 -8.54 -20.05 -8.84
N LYS B 82 -7.23 -19.86 -8.70
CA LYS B 82 -6.35 -19.55 -9.83
C LYS B 82 -5.89 -20.79 -10.58
N LEU B 83 -6.32 -21.98 -10.20
CA LEU B 83 -5.85 -23.23 -10.79
C LEU B 83 -6.84 -23.76 -11.80
N GLU B 84 -6.33 -24.55 -12.74
CA GLU B 84 -7.14 -25.22 -13.76
C GLU B 84 -7.65 -26.53 -13.17
N LEU B 85 -8.95 -26.61 -12.95
CA LEU B 85 -9.57 -27.77 -12.31
C LEU B 85 -10.16 -28.68 -13.38
N PHE B 86 -9.86 -29.98 -13.29
CA PHE B 86 -10.43 -30.97 -14.18
C PHE B 86 -10.80 -32.22 -13.40
N PRO B 87 -11.84 -32.94 -13.83
CA PRO B 87 -12.20 -34.18 -13.14
C PRO B 87 -11.34 -35.36 -13.54
N VAL B 88 -11.24 -36.32 -12.64
CA VAL B 88 -10.51 -37.56 -12.88
C VAL B 88 -11.20 -38.68 -12.12
N GLU B 89 -11.24 -39.87 -12.73
CA GLU B 89 -11.88 -41.03 -12.13
C GLU B 89 -10.96 -42.24 -12.30
N LEU B 90 -10.46 -42.77 -11.19
CA LEU B 90 -9.51 -43.88 -11.21
C LEU B 90 -10.12 -45.12 -10.55
N GLU B 91 -9.84 -46.28 -11.14
CA GLU B 91 -10.23 -47.57 -10.58
C GLU B 91 -9.03 -48.15 -9.84
N LYS B 92 -9.20 -48.40 -8.54
CA LYS B 92 -8.10 -48.90 -7.74
C LYS B 92 -7.67 -50.30 -8.19
N ASP B 93 -6.36 -50.49 -8.29
CA ASP B 93 -5.77 -51.76 -8.68
C ASP B 93 -5.23 -52.47 -7.43
N GLU B 94 -4.45 -53.53 -7.65
CA GLU B 94 -3.84 -54.23 -6.52
C GLU B 94 -2.94 -53.31 -5.71
N ASP B 95 -2.15 -52.47 -6.38
CA ASP B 95 -1.24 -51.58 -5.70
C ASP B 95 -1.93 -50.38 -5.05
N GLY B 96 -3.22 -50.17 -5.35
CA GLY B 96 -3.95 -49.03 -4.82
C GLY B 96 -4.39 -48.07 -5.91
N LEU B 97 -4.03 -46.79 -5.77
CA LEU B 97 -4.23 -45.81 -6.82
C LEU B 97 -2.94 -45.42 -7.52
N GLY B 98 -1.79 -45.81 -6.99
CA GLY B 98 -0.51 -45.48 -7.59
C GLY B 98 -0.14 -44.00 -7.52
N ILE B 99 -0.45 -43.35 -6.39
CA ILE B 99 -0.17 -41.93 -6.20
C ILE B 99 0.50 -41.75 -4.84
N SER B 100 1.47 -40.84 -4.78
CA SER B 100 2.09 -40.44 -3.53
C SER B 100 1.85 -38.95 -3.33
N ILE B 101 1.34 -38.58 -2.16
CA ILE B 101 0.91 -37.21 -1.88
C ILE B 101 1.85 -36.59 -0.85
N ILE B 102 1.85 -35.25 -0.82
CA ILE B 102 2.59 -34.48 0.17
C ILE B 102 1.69 -33.35 0.65
N GLY B 103 1.73 -33.07 1.96
CA GLY B 103 1.00 -31.94 2.51
C GLY B 103 1.89 -30.70 2.55
N MET B 104 1.29 -29.55 2.24
CA MET B 104 2.00 -28.28 2.25
C MET B 104 1.12 -27.18 2.83
N GLY B 105 1.68 -26.41 3.76
CA GLY B 105 0.96 -25.34 4.41
C GLY B 105 1.03 -24.03 3.64
N GLU B 113 -0.90 -27.87 10.50
CA GLU B 113 -1.87 -26.79 10.47
C GLU B 113 -2.82 -26.97 9.27
N LYS B 114 -3.08 -25.90 8.53
CA LYS B 114 -3.91 -25.97 7.33
C LYS B 114 -3.02 -26.29 6.14
N LEU B 115 -3.24 -27.45 5.53
CA LEU B 115 -2.36 -27.98 4.49
C LEU B 115 -3.13 -28.16 3.18
N GLY B 116 -2.37 -28.28 2.10
CA GLY B 116 -2.90 -28.68 0.82
C GLY B 116 -2.24 -29.98 0.39
N ILE B 117 -2.97 -30.75 -0.41
CA ILE B 117 -2.54 -32.10 -0.80
C ILE B 117 -2.06 -32.05 -2.24
N PHE B 118 -0.77 -32.33 -2.44
CA PHE B 118 -0.15 -32.29 -3.76
C PHE B 118 0.50 -33.63 -4.07
N VAL B 119 0.58 -33.95 -5.36
CA VAL B 119 1.16 -35.21 -5.82
C VAL B 119 2.67 -35.07 -5.90
N LYS B 120 3.38 -35.96 -5.22
CA LYS B 120 4.84 -36.02 -5.27
C LYS B 120 5.35 -37.09 -6.22
N THR B 121 4.65 -38.23 -6.32
CA THR B 121 5.08 -39.33 -7.17
C THR B 121 3.86 -39.97 -7.81
N VAL B 122 4.00 -40.39 -9.06
CA VAL B 122 3.01 -41.22 -9.73
C VAL B 122 3.75 -42.52 -10.07
N THR B 123 3.40 -43.60 -9.36
CA THR B 123 4.11 -44.85 -9.56
C THR B 123 3.88 -45.37 -10.98
N GLU B 124 4.96 -45.73 -11.66
CA GLU B 124 4.87 -46.26 -13.01
C GLU B 124 4.13 -47.59 -12.99
N GLY B 125 3.15 -47.74 -13.88
CA GLY B 125 2.33 -48.94 -13.92
C GLY B 125 1.11 -48.90 -13.03
N GLY B 126 0.99 -47.88 -12.18
CA GLY B 126 -0.17 -47.73 -11.33
C GLY B 126 -1.37 -47.19 -12.08
N ALA B 127 -2.49 -47.11 -11.38
CA ALA B 127 -3.71 -46.63 -12.01
C ALA B 127 -3.58 -45.18 -12.45
N ALA B 128 -2.95 -44.34 -11.63
CA ALA B 128 -2.86 -42.92 -11.95
C ALA B 128 -2.01 -42.68 -13.19
N GLN B 129 -0.83 -43.30 -13.26
CA GLN B 129 0.03 -43.12 -14.42
C GLN B 129 -0.67 -43.65 -15.66
N ARG B 130 -1.16 -44.89 -15.60
CA ARG B 130 -1.80 -45.52 -16.75
C ARG B 130 -2.95 -44.68 -17.27
N ASP B 131 -3.57 -43.88 -16.41
CA ASP B 131 -4.59 -42.94 -16.85
C ASP B 131 -3.98 -41.73 -17.55
N GLY B 132 -2.91 -41.18 -16.97
CA GLY B 132 -2.13 -40.14 -17.61
C GLY B 132 -2.54 -38.71 -17.32
N ARG B 133 -3.71 -38.51 -16.71
CA ARG B 133 -4.17 -37.15 -16.44
C ARG B 133 -3.58 -36.56 -15.17
N ILE B 134 -3.01 -37.38 -14.29
CA ILE B 134 -2.45 -36.90 -13.03
C ILE B 134 -0.93 -36.86 -13.13
N GLN B 135 -0.35 -35.71 -12.83
CA GLN B 135 1.08 -35.48 -12.94
C GLN B 135 1.60 -34.89 -11.63
N VAL B 136 2.92 -34.92 -11.46
CA VAL B 136 3.51 -34.40 -10.23
C VAL B 136 3.14 -32.93 -10.08
N ASN B 137 2.97 -32.49 -8.83
CA ASN B 137 2.61 -31.14 -8.44
C ASN B 137 1.15 -30.80 -8.72
N ASP B 138 0.33 -31.80 -9.07
CA ASP B 138 -1.11 -31.58 -9.19
C ASP B 138 -1.71 -31.58 -7.79
N GLN B 139 -2.56 -30.59 -7.51
CA GLN B 139 -3.25 -30.51 -6.24
C GLN B 139 -4.51 -31.38 -6.27
N ILE B 140 -4.77 -32.07 -5.16
CA ILE B 140 -5.98 -32.86 -4.98
C ILE B 140 -6.99 -31.95 -4.28
N VAL B 141 -7.84 -31.30 -5.07
CA VAL B 141 -8.80 -30.36 -4.49
C VAL B 141 -9.91 -31.11 -3.76
N GLU B 142 -10.47 -32.15 -4.39
CA GLU B 142 -11.57 -32.91 -3.81
C GLU B 142 -11.35 -34.40 -4.07
N VAL B 143 -11.84 -35.21 -3.13
CA VAL B 143 -11.80 -36.67 -3.23
C VAL B 143 -13.18 -37.21 -2.84
N ASP B 144 -13.77 -38.02 -3.72
CA ASP B 144 -15.11 -38.56 -3.54
C ASP B 144 -16.09 -37.49 -3.06
N GLY B 145 -15.90 -36.25 -3.53
CA GLY B 145 -16.77 -35.16 -3.16
C GLY B 145 -16.38 -34.40 -1.89
N ILE B 146 -15.26 -34.75 -1.26
CA ILE B 146 -14.84 -34.14 0.00
C ILE B 146 -13.63 -33.25 -0.29
N SER B 147 -13.70 -32.01 0.17
CA SER B 147 -12.67 -31.02 -0.13
C SER B 147 -11.43 -31.22 0.74
N LEU B 148 -10.25 -31.18 0.10
CA LEU B 148 -8.98 -31.32 0.78
C LEU B 148 -8.14 -30.05 0.66
N VAL B 149 -8.80 -28.88 0.63
CA VAL B 149 -8.12 -27.60 0.59
C VAL B 149 -8.20 -26.98 1.98
N GLY B 150 -7.03 -26.71 2.56
CA GLY B 150 -6.97 -26.14 3.89
C GLY B 150 -7.51 -27.06 4.96
N VAL B 151 -7.15 -28.34 4.92
CA VAL B 151 -7.61 -29.32 5.87
C VAL B 151 -6.43 -29.74 6.76
N THR B 152 -6.76 -30.46 7.83
CA THR B 152 -5.74 -31.02 8.71
C THR B 152 -5.23 -32.34 8.13
N GLN B 153 -3.99 -32.68 8.47
CA GLN B 153 -3.43 -33.96 8.06
C GLN B 153 -4.33 -35.11 8.50
N ASN B 154 -4.88 -35.02 9.72
CA ASN B 154 -5.76 -36.08 10.21
C ASN B 154 -7.01 -36.19 9.34
N PHE B 155 -7.59 -35.05 8.96
CA PHE B 155 -8.78 -35.09 8.11
C PHE B 155 -8.46 -35.68 6.74
N ALA B 156 -7.38 -35.21 6.11
CA ALA B 156 -7.04 -35.70 4.77
C ALA B 156 -6.70 -37.19 4.79
N ALA B 157 -6.00 -37.63 5.83
CA ALA B 157 -5.67 -39.05 5.94
C ALA B 157 -6.93 -39.89 6.08
N THR B 158 -7.88 -39.45 6.91
CA THR B 158 -9.12 -40.21 7.08
C THR B 158 -9.86 -40.33 5.76
N VAL B 159 -9.93 -39.24 4.98
CA VAL B 159 -10.65 -39.26 3.72
C VAL B 159 -9.97 -40.19 2.73
N LEU B 160 -8.64 -40.06 2.59
CA LEU B 160 -7.93 -40.84 1.60
C LEU B 160 -7.87 -42.33 1.99
N ARG B 161 -7.93 -42.65 3.28
CA ARG B 161 -7.96 -44.03 3.71
C ARG B 161 -9.32 -44.69 3.47
N ASN B 162 -10.40 -43.91 3.42
CA ASN B 162 -11.74 -44.44 3.27
C ASN B 162 -12.20 -44.54 1.81
N THR B 163 -11.35 -44.18 0.86
CA THR B 163 -11.70 -44.33 -0.54
C THR B 163 -11.84 -45.81 -0.89
N LYS B 164 -12.67 -46.08 -1.91
CA LYS B 164 -12.87 -47.43 -2.41
C LYS B 164 -12.83 -47.42 -3.93
N GLY B 165 -12.49 -48.57 -4.51
CA GLY B 165 -12.78 -48.85 -5.91
C GLY B 165 -12.60 -47.69 -6.85
N ASN B 166 -13.69 -47.25 -7.47
CA ASN B 166 -13.69 -46.09 -8.36
C ASN B 166 -13.72 -44.82 -7.51
N VAL B 167 -12.57 -44.17 -7.37
CA VAL B 167 -12.45 -42.93 -6.63
C VAL B 167 -12.64 -41.76 -7.57
N ARG B 168 -13.45 -40.80 -7.16
CA ARG B 168 -13.72 -39.60 -7.95
C ARG B 168 -12.83 -38.48 -7.45
N PHE B 169 -12.03 -37.90 -8.35
CA PHE B 169 -11.10 -36.84 -8.00
C PHE B 169 -11.51 -35.52 -8.65
N VAL B 170 -11.15 -34.43 -8.00
CA VAL B 170 -11.07 -33.11 -8.61
C VAL B 170 -9.62 -32.67 -8.50
N ILE B 171 -8.97 -32.47 -9.64
CA ILE B 171 -7.55 -32.18 -9.70
C ILE B 171 -7.37 -30.74 -10.16
N GLY B 172 -6.45 -30.04 -9.54
CA GLY B 172 -6.10 -28.68 -9.92
C GLY B 172 -4.69 -28.62 -10.45
N ARG B 173 -4.51 -27.90 -11.56
CA ARG B 173 -3.21 -27.72 -12.18
C ARG B 173 -3.00 -26.24 -12.46
N GLU B 174 -1.75 -25.79 -12.31
CA GLU B 174 -1.44 -24.39 -12.57
C GLU B 174 -1.77 -24.05 -14.01
N LYS B 175 -2.51 -22.96 -14.21
CA LYS B 175 -2.86 -22.54 -15.56
C LYS B 175 -1.59 -22.19 -16.33
N PRO B 176 -1.56 -22.47 -17.64
CA PRO B 176 -0.36 -22.35 -18.49
C PRO B 176 0.57 -21.20 -18.11
N LEU C 6 41.23 25.21 5.18
CA LEU C 6 40.65 23.93 4.79
C LEU C 6 41.66 23.09 4.01
N ASN C 7 42.39 23.73 3.10
CA ASN C 7 43.31 23.04 2.20
C ASN C 7 42.56 22.00 1.35
N LEU C 8 41.57 22.51 0.61
CA LEU C 8 40.67 21.63 -0.13
C LEU C 8 41.41 20.82 -1.18
N ASP C 9 42.29 21.46 -1.95
CA ASP C 9 43.00 20.74 -3.01
C ASP C 9 43.91 19.66 -2.45
N SER C 10 44.31 19.77 -1.19
CA SER C 10 45.06 18.68 -0.56
C SER C 10 44.14 17.52 -0.23
N ILE C 11 42.96 17.80 0.33
CA ILE C 11 42.00 16.74 0.63
C ILE C 11 41.67 15.95 -0.64
N ILE C 12 41.34 16.65 -1.72
CA ILE C 12 40.93 15.97 -2.95
C ILE C 12 42.09 15.15 -3.49
N GLY C 13 43.31 15.67 -3.40
CA GLY C 13 44.46 14.93 -3.89
C GLY C 13 44.65 13.61 -3.16
N ARG C 14 44.46 13.62 -1.84
CA ARG C 14 44.56 12.37 -1.08
C ARG C 14 43.40 11.44 -1.38
N LEU C 15 42.20 11.97 -1.55
CA LEU C 15 41.05 11.13 -1.83
C LEU C 15 41.20 10.42 -3.17
N LEU C 16 41.73 11.13 -4.17
CA LEU C 16 41.96 10.55 -5.48
C LEU C 16 43.29 9.79 -5.60
N GLU C 17 44.13 9.84 -4.56
CA GLU C 17 45.44 9.19 -4.64
C GLU C 17 45.33 7.68 -4.81
N VAL C 18 44.23 7.07 -4.40
CA VAL C 18 44.10 5.62 -4.39
C VAL C 18 43.44 5.11 -5.67
N GLN C 19 43.44 5.93 -6.72
CA GLN C 19 42.80 5.54 -7.96
C GLN C 19 43.37 4.21 -8.49
N GLY C 20 44.69 4.09 -8.51
CA GLY C 20 45.32 2.88 -8.99
C GLY C 20 45.51 1.78 -7.97
N SER C 21 45.05 1.99 -6.74
CA SER C 21 45.24 1.01 -5.69
C SER C 21 44.17 -0.09 -5.76
N ARG C 22 44.42 -1.18 -5.05
CA ARG C 22 43.46 -2.27 -4.99
C ARG C 22 42.20 -1.78 -4.29
N PRO C 23 41.01 -2.05 -4.84
CA PRO C 23 39.79 -1.54 -4.21
C PRO C 23 39.67 -2.00 -2.76
N GLY C 24 39.21 -1.09 -1.91
CA GLY C 24 39.10 -1.33 -0.49
C GLY C 24 40.02 -0.47 0.35
N LYS C 25 41.14 -0.05 -0.23
CA LYS C 25 42.11 0.76 0.52
C LYS C 25 41.46 2.05 0.99
N ASN C 26 41.65 2.36 2.27
CA ASN C 26 41.01 3.53 2.87
C ASN C 26 41.84 4.79 2.63
N VAL C 27 41.14 5.93 2.73
CA VAL C 27 41.78 7.24 2.83
C VAL C 27 41.25 7.85 4.12
N GLN C 28 42.13 8.04 5.10
CA GLN C 28 41.75 8.52 6.43
C GLN C 28 42.11 10.01 6.50
N LEU C 29 41.13 10.86 6.25
CA LEU C 29 41.30 12.28 6.50
C LEU C 29 41.23 12.56 8.00
N THR C 30 41.70 13.73 8.38
CA THR C 30 41.62 14.13 9.78
C THR C 30 40.19 14.54 10.12
N GLU C 31 39.86 14.42 11.41
CA GLU C 31 38.54 14.84 11.89
C GLU C 31 38.26 16.29 11.52
N ASN C 32 39.26 17.17 11.66
CA ASN C 32 39.04 18.58 11.37
C ASN C 32 38.84 18.84 9.89
N GLU C 33 39.52 18.07 9.04
CA GLU C 33 39.29 18.20 7.61
C GLU C 33 37.85 17.84 7.25
N ILE C 34 37.37 16.70 7.76
CA ILE C 34 36.00 16.29 7.48
C ILE C 34 35.00 17.29 8.06
N ARG C 35 35.23 17.71 9.31
CA ARG C 35 34.34 18.70 9.90
C ARG C 35 34.30 19.98 9.05
N GLY C 36 35.45 20.37 8.51
CA GLY C 36 35.48 21.54 7.65
C GLY C 36 34.69 21.33 6.37
N LEU C 37 34.78 20.13 5.79
CA LEU C 37 33.95 19.82 4.63
C LEU C 37 32.47 19.92 4.96
N CYS C 38 32.06 19.37 6.10
CA CYS C 38 30.64 19.40 6.45
C CYS C 38 30.15 20.83 6.64
N LEU C 39 30.93 21.66 7.34
CA LEU C 39 30.46 23.00 7.67
C LEU C 39 30.45 23.92 6.45
N LYS C 40 31.43 23.77 5.55
CA LYS C 40 31.47 24.60 4.37
C LYS C 40 30.38 24.19 3.37
N SER C 41 30.25 22.89 3.11
CA SER C 41 29.21 22.43 2.19
C SER C 41 27.83 22.75 2.75
N ARG C 42 27.66 22.64 4.07
CA ARG C 42 26.40 23.05 4.68
C ARG C 42 26.06 24.49 4.30
N GLU C 43 27.04 25.39 4.42
CA GLU C 43 26.80 26.80 4.12
C GLU C 43 26.40 26.99 2.66
N ILE C 44 27.03 26.25 1.75
CA ILE C 44 26.66 26.33 0.35
C ILE C 44 25.23 25.81 0.14
N PHE C 45 24.89 24.68 0.77
CA PHE C 45 23.55 24.12 0.55
C PHE C 45 22.46 25.09 0.97
N LEU C 46 22.63 25.75 2.13
CA LEU C 46 21.66 26.73 2.57
C LEU C 46 21.67 27.99 1.72
N SER C 47 22.78 28.28 1.05
CA SER C 47 22.86 29.45 0.19
C SER C 47 22.25 29.22 -1.18
N GLN C 48 21.85 27.98 -1.48
CA GLN C 48 21.24 27.63 -2.75
C GLN C 48 19.84 27.09 -2.52
N PRO C 49 18.97 27.15 -3.53
CA PRO C 49 17.57 26.76 -3.34
C PRO C 49 17.42 25.29 -2.99
N ILE C 50 16.38 24.99 -2.20
CA ILE C 50 16.04 23.61 -1.86
C ILE C 50 15.50 22.87 -3.08
N LEU C 51 14.90 23.59 -4.02
CA LEU C 51 14.52 23.06 -5.32
C LEU C 51 15.46 23.67 -6.36
N LEU C 52 16.49 22.92 -6.75
CA LEU C 52 17.50 23.46 -7.64
C LEU C 52 16.93 23.68 -9.02
N GLU C 53 17.37 24.76 -9.68
CA GLU C 53 17.00 25.07 -11.06
C GLU C 53 18.30 25.02 -11.85
N LEU C 54 18.57 23.88 -12.47
CA LEU C 54 19.84 23.64 -13.15
C LEU C 54 19.66 23.76 -14.66
N GLU C 55 20.78 23.87 -15.35
CA GLU C 55 20.81 23.92 -16.81
C GLU C 55 21.76 22.86 -17.33
N ALA C 56 21.49 22.40 -18.54
CA ALA C 56 22.38 21.47 -19.25
C ALA C 56 23.59 22.23 -19.78
N PRO C 57 24.69 21.52 -20.07
CA PRO C 57 24.91 20.07 -19.98
C PRO C 57 25.06 19.56 -18.57
N LEU C 58 24.69 18.30 -18.32
CA LEU C 58 24.62 17.77 -16.97
C LEU C 58 24.68 16.26 -17.05
N LYS C 59 25.31 15.65 -16.05
CA LYS C 59 25.37 14.21 -15.88
C LYS C 59 24.73 13.86 -14.55
N ILE C 60 23.80 12.92 -14.57
CA ILE C 60 22.97 12.56 -13.41
C ILE C 60 23.27 11.12 -13.04
N CYS C 61 23.50 10.89 -11.73
CA CYS C 61 23.81 9.57 -11.21
C CYS C 61 22.90 9.28 -10.01
N GLY C 62 22.76 7.98 -9.73
CA GLY C 62 21.90 7.52 -8.66
C GLY C 62 22.67 7.05 -7.43
N ASP C 63 22.18 5.98 -6.80
CA ASP C 63 22.73 5.57 -5.52
C ASP C 63 24.20 5.18 -5.64
N ILE C 64 24.96 5.47 -4.58
CA ILE C 64 26.35 5.06 -4.46
C ILE C 64 26.55 4.13 -3.28
N HIS C 65 25.95 4.47 -2.12
CA HIS C 65 25.96 3.61 -0.95
C HIS C 65 27.38 3.20 -0.55
N GLY C 66 28.29 4.17 -0.59
CA GLY C 66 29.61 3.97 -0.05
C GLY C 66 30.55 3.13 -0.88
N GLN C 67 30.16 2.75 -2.09
CA GLN C 67 31.05 1.98 -2.97
C GLN C 67 32.00 2.97 -3.63
N TYR C 68 33.07 3.29 -2.87
CA TYR C 68 33.90 4.43 -3.23
C TYR C 68 34.62 4.23 -4.55
N TYR C 69 35.16 3.04 -4.80
CA TYR C 69 35.91 2.81 -6.02
C TYR C 69 35.02 2.72 -7.25
N ASP C 70 33.72 2.43 -7.08
CA ASP C 70 32.78 2.58 -8.19
C ASP C 70 32.52 4.05 -8.49
N LEU C 71 32.60 4.92 -7.47
CA LEU C 71 32.46 6.35 -7.71
C LEU C 71 33.65 6.89 -8.50
N LEU C 72 34.86 6.40 -8.20
CA LEU C 72 36.03 6.83 -8.96
C LEU C 72 35.93 6.40 -10.42
N ARG C 73 35.47 5.18 -10.67
CA ARG C 73 35.26 4.74 -12.06
C ARG C 73 34.20 5.58 -12.74
N LEU C 74 33.17 6.01 -12.00
CA LEU C 74 32.15 6.88 -12.56
CA LEU C 74 32.14 6.88 -12.57
C LEU C 74 32.77 8.20 -13.02
N PHE C 75 33.63 8.80 -12.18
CA PHE C 75 34.29 10.04 -12.57
C PHE C 75 35.33 9.79 -13.65
N GLU C 76 36.04 8.66 -13.57
CA GLU C 76 37.06 8.35 -14.57
C GLU C 76 36.45 8.26 -15.97
N TYR C 77 35.29 7.63 -16.09
CA TYR C 77 34.67 7.42 -17.39
C TYR C 77 33.78 8.59 -17.78
N GLY C 78 33.08 9.19 -16.82
CA GLY C 78 32.28 10.38 -17.13
C GLY C 78 33.07 11.66 -17.17
N GLY C 79 34.29 11.67 -16.62
CA GLY C 79 35.10 12.87 -16.57
C GLY C 79 35.10 13.52 -15.21
N PHE C 80 36.28 13.67 -14.62
CA PHE C 80 36.38 14.32 -13.32
C PHE C 80 35.93 15.77 -13.42
N PRO C 81 35.26 16.31 -12.40
CA PRO C 81 34.91 17.72 -12.42
C PRO C 81 36.18 18.56 -12.55
N PRO C 82 36.07 19.75 -13.15
CA PRO C 82 34.87 20.40 -13.69
C PRO C 82 34.61 20.07 -15.15
N GLU C 83 35.27 19.06 -15.70
CA GLU C 83 35.06 18.71 -17.10
C GLU C 83 33.57 18.45 -17.38
N SER C 84 32.88 17.80 -16.44
CA SER C 84 31.46 17.54 -16.56
C SER C 84 30.74 18.09 -15.34
N ASN C 85 29.56 18.67 -15.57
CA ASN C 85 28.66 19.02 -14.48
C ASN C 85 27.95 17.77 -13.99
N TYR C 86 27.80 17.65 -12.68
CA TYR C 86 27.23 16.46 -12.09
C TYR C 86 26.04 16.80 -11.20
N LEU C 87 25.10 15.86 -11.16
CA LEU C 87 23.96 15.90 -10.26
C LEU C 87 23.76 14.50 -9.71
N PHE C 88 23.86 14.34 -8.40
CA PHE C 88 23.64 13.07 -7.74
C PHE C 88 22.31 13.10 -7.02
N LEU C 89 21.61 11.96 -7.05
CA LEU C 89 20.25 11.85 -6.55
C LEU C 89 20.18 11.22 -5.17
N GLY C 90 21.27 11.23 -4.42
CA GLY C 90 21.26 10.81 -3.03
C GLY C 90 21.76 9.39 -2.84
N ASP C 91 21.68 8.97 -1.56
CA ASP C 91 22.14 7.66 -1.10
C ASP C 91 23.64 7.48 -1.35
N TYR C 92 24.41 8.34 -0.68
CA TYR C 92 25.85 8.29 -0.73
C TYR C 92 26.44 7.39 0.34
N VAL C 93 25.73 7.22 1.46
CA VAL C 93 26.24 6.48 2.59
C VAL C 93 25.44 5.19 2.78
N ASP C 94 25.83 4.39 3.78
CA ASP C 94 25.15 3.15 4.16
C ASP C 94 25.42 2.00 3.19
N ARG C 95 25.50 0.78 3.75
CA ARG C 95 25.60 -0.46 3.02
C ARG C 95 26.96 -0.66 2.38
N GLY C 96 27.78 0.38 2.36
CA GLY C 96 29.11 0.28 1.82
C GLY C 96 30.13 0.34 2.92
N LYS C 97 31.35 -0.10 2.65
CA LYS C 97 32.42 -0.03 3.63
C LYS C 97 33.17 1.29 3.61
N GLN C 98 32.91 2.16 2.63
CA GLN C 98 33.64 3.41 2.47
C GLN C 98 32.68 4.56 2.25
N SER C 99 31.65 4.67 3.11
CA SER C 99 30.75 5.81 3.04
C SER C 99 31.50 7.12 3.24
N LEU C 100 32.49 7.13 4.13
CA LEU C 100 33.18 8.37 4.48
C LEU C 100 33.98 8.92 3.30
N GLU C 101 34.80 8.09 2.65
CA GLU C 101 35.52 8.55 1.49
C GLU C 101 34.56 9.03 0.42
N THR C 102 33.45 8.32 0.23
CA THR C 102 32.49 8.69 -0.80
C THR C 102 31.92 10.07 -0.54
N ILE C 103 31.36 10.30 0.66
CA ILE C 103 30.71 11.57 0.93
C ILE C 103 31.73 12.69 1.01
N CYS C 104 32.94 12.42 1.50
CA CYS C 104 33.94 13.47 1.60
C CYS C 104 34.35 13.99 0.23
N LEU C 105 34.56 13.08 -0.74
CA LEU C 105 34.88 13.52 -2.08
C LEU C 105 33.72 14.29 -2.70
N LEU C 106 32.49 13.78 -2.54
CA LEU C 106 31.34 14.50 -3.09
C LEU C 106 31.20 15.87 -2.46
N LEU C 107 31.37 15.97 -1.14
CA LEU C 107 31.30 17.27 -0.49
C LEU C 107 32.43 18.17 -0.95
N ALA C 108 33.63 17.60 -1.13
CA ALA C 108 34.77 18.39 -1.57
C ALA C 108 34.49 19.04 -2.92
N TYR C 109 33.99 18.23 -3.88
CA TYR C 109 33.70 18.78 -5.20
C TYR C 109 32.59 19.83 -5.13
N LYS C 110 31.63 19.65 -4.22
CA LYS C 110 30.59 20.67 -4.07
C LYS C 110 31.18 22.00 -3.64
N ILE C 111 32.11 21.96 -2.68
CA ILE C 111 32.72 23.18 -2.18
C ILE C 111 33.58 23.83 -3.25
N LYS C 112 34.29 23.02 -4.03
CA LYS C 112 35.19 23.56 -5.04
C LYS C 112 34.45 24.06 -6.28
N TYR C 113 33.31 23.47 -6.63
CA TYR C 113 32.56 23.84 -7.84
C TYR C 113 31.08 24.03 -7.51
N PRO C 114 30.75 24.98 -6.64
CA PRO C 114 29.37 25.04 -6.13
C PRO C 114 28.31 25.26 -7.20
N GLU C 115 28.66 25.81 -8.35
CA GLU C 115 27.69 26.10 -9.40
C GLU C 115 27.73 25.09 -10.54
N ASN C 116 28.54 24.03 -10.40
CA ASN C 116 28.66 23.00 -11.43
C ASN C 116 28.63 21.60 -10.85
N PHE C 117 28.40 21.44 -9.55
CA PHE C 117 28.37 20.15 -8.88
C PHE C 117 27.25 20.23 -7.85
N PHE C 118 26.38 19.21 -7.85
CA PHE C 118 25.14 19.29 -7.08
C PHE C 118 24.80 17.94 -6.49
N LEU C 119 24.28 17.97 -5.26
CA LEU C 119 23.93 16.78 -4.51
C LEU C 119 22.50 16.94 -4.00
N LEU C 120 21.67 15.92 -4.24
CA LEU C 120 20.35 15.87 -3.65
C LEU C 120 20.34 14.91 -2.47
N ARG C 121 19.34 15.06 -1.61
CA ARG C 121 19.23 14.24 -0.41
C ARG C 121 18.57 12.90 -0.75
N GLY C 122 19.17 11.81 -0.26
CA GLY C 122 18.55 10.51 -0.32
C GLY C 122 17.93 10.14 1.02
N ASN C 123 17.15 9.05 1.02
CA ASN C 123 16.54 8.62 2.27
C ASN C 123 17.58 8.13 3.26
N HIS C 124 18.75 7.74 2.78
CA HIS C 124 19.84 7.37 3.68
C HIS C 124 20.64 8.57 4.18
N GLU C 125 20.37 9.77 3.67
CA GLU C 125 20.96 10.98 4.24
C GLU C 125 20.09 11.53 5.36
N CYS C 126 19.82 10.67 6.33
CA CYS C 126 18.89 10.95 7.43
C CYS C 126 19.40 10.20 8.64
N ALA C 127 19.42 10.88 9.79
CA ALA C 127 20.04 10.29 10.97
C ALA C 127 19.35 8.99 11.38
N SER C 128 18.02 8.99 11.35
CA SER C 128 17.28 7.80 11.80
C SER C 128 17.63 6.57 10.97
N ILE C 129 18.02 6.78 9.71
CA ILE C 129 18.28 5.66 8.80
C ILE C 129 19.75 5.29 8.78
N ASN C 130 20.65 6.26 8.58
CA ASN C 130 22.07 5.91 8.50
C ASN C 130 22.63 5.50 9.87
N ARG C 131 21.88 5.73 10.95
CA ARG C 131 22.22 5.09 12.22
C ARG C 131 22.17 3.57 12.09
N ILE C 132 21.18 3.06 11.37
CA ILE C 132 20.87 1.64 11.38
C ILE C 132 21.63 0.85 10.32
N TYR C 133 22.01 1.47 9.21
CA TYR C 133 22.49 0.74 8.05
C TYR C 133 23.98 0.95 7.77
N GLY C 134 24.73 1.48 8.73
CA GLY C 134 26.17 1.38 8.66
C GLY C 134 26.97 2.66 8.84
N PHE C 135 26.43 3.80 8.42
CA PHE C 135 27.22 5.02 8.43
C PHE C 135 27.61 5.41 9.85
N TYR C 136 26.67 5.30 10.80
CA TYR C 136 27.00 5.59 12.19
C TYR C 136 28.08 4.66 12.71
N ASP C 137 28.00 3.37 12.37
CA ASP C 137 29.03 2.43 12.81
C ASP C 137 30.38 2.83 12.24
N GLU C 138 30.40 3.23 10.97
CA GLU C 138 31.65 3.63 10.33
C GLU C 138 32.24 4.88 10.98
N CYS C 139 31.38 5.83 11.36
CA CYS C 139 31.86 7.03 12.02
C CYS C 139 32.41 6.72 13.40
N LYS C 140 31.68 5.92 14.19
CA LYS C 140 32.13 5.61 15.55
C LYS C 140 33.44 4.84 15.52
N ARG C 141 33.70 4.11 14.44
CA ARG C 141 34.89 3.25 14.38
C ARG C 141 36.12 4.05 13.98
N ARG C 142 36.07 4.73 12.82
CA ARG C 142 37.19 5.46 12.27
C ARG C 142 37.30 6.88 12.82
N TYR C 143 36.27 7.37 13.50
CA TYR C 143 36.23 8.71 14.07
C TYR C 143 35.39 8.60 15.34
N ASN C 144 34.85 9.73 15.80
CA ASN C 144 33.95 9.75 16.94
C ASN C 144 32.50 9.87 16.45
N ILE C 145 31.56 9.65 17.38
CA ILE C 145 30.15 9.81 17.05
C ILE C 145 29.76 11.29 16.96
N LYS C 146 30.55 12.19 17.57
CA LYS C 146 30.32 13.62 17.36
C LYS C 146 30.44 13.99 15.89
N LEU C 147 31.35 13.33 15.16
CA LEU C 147 31.45 13.57 13.73
C LEU C 147 30.21 13.11 12.99
N TRP C 148 29.57 12.04 13.46
CA TRP C 148 28.33 11.59 12.84
C TRP C 148 27.23 12.64 12.97
N LYS C 149 27.13 13.27 14.13
CA LYS C 149 26.16 14.36 14.30
C LYS C 149 26.48 15.54 13.40
N THR C 150 27.77 15.79 13.14
CA THR C 150 28.15 16.87 12.23
C THR C 150 27.72 16.57 10.81
N PHE C 151 27.85 15.31 10.38
CA PHE C 151 27.30 14.91 9.09
C PHE C 151 25.80 15.15 9.04
N THR C 152 25.10 14.83 10.14
CA THR C 152 23.65 15.02 10.18
C THR C 152 23.27 16.48 9.99
N ASP C 153 23.98 17.40 10.68
CA ASP C 153 23.70 18.82 10.47
C ASP C 153 23.91 19.21 9.01
N CYS C 154 24.88 18.60 8.35
CA CYS C 154 25.10 18.85 6.93
C CYS C 154 24.00 18.20 6.08
N PHE C 155 23.71 16.92 6.33
CA PHE C 155 22.69 16.24 5.52
C PHE C 155 21.33 16.93 5.65
N ASN C 156 21.01 17.46 6.84
CA ASN C 156 19.71 18.10 7.06
C ASN C 156 19.53 19.36 6.22
N CYS C 157 20.53 19.78 5.46
CA CYS C 157 20.46 20.97 4.63
C CYS C 157 20.55 20.68 3.14
N LEU C 158 20.65 19.42 2.74
CA LEU C 158 20.77 19.12 1.32
C LEU C 158 19.50 19.54 0.58
N PRO C 159 19.62 19.96 -0.68
CA PRO C 159 18.43 20.21 -1.48
C PRO C 159 17.69 18.90 -1.75
N ILE C 160 16.39 19.03 -1.99
CA ILE C 160 15.51 17.87 -2.07
C ILE C 160 15.29 17.43 -3.51
N ALA C 161 15.23 18.38 -4.44
CA ALA C 161 14.90 18.08 -5.82
C ALA C 161 15.57 19.07 -6.75
N ALA C 162 15.59 18.73 -8.04
CA ALA C 162 16.15 19.60 -9.06
C ALA C 162 15.28 19.56 -10.31
N ILE C 163 15.26 20.67 -11.03
CA ILE C 163 14.61 20.77 -12.33
C ILE C 163 15.66 21.22 -13.33
N VAL C 164 15.84 20.44 -14.38
CA VAL C 164 16.86 20.70 -15.40
C VAL C 164 16.16 21.34 -16.60
N ASP C 165 16.45 22.62 -16.85
CA ASP C 165 15.95 23.34 -18.01
C ASP C 165 14.43 23.33 -18.07
N GLU C 166 13.78 23.32 -16.89
CA GLU C 166 12.34 23.40 -16.76
C GLU C 166 11.61 22.22 -17.40
N LYS C 167 12.32 21.11 -17.64
CA LYS C 167 11.75 19.95 -18.30
C LYS C 167 12.01 18.61 -17.62
N ILE C 168 13.05 18.49 -16.79
CA ILE C 168 13.37 17.24 -16.12
C ILE C 168 13.24 17.47 -14.62
N PHE C 169 12.39 16.69 -13.97
CA PHE C 169 12.21 16.77 -12.52
C PHE C 169 13.01 15.64 -11.88
N CYS C 170 13.94 16.00 -11.00
CA CYS C 170 14.88 15.06 -10.40
C CYS C 170 14.70 15.02 -8.90
N CYS C 171 14.53 13.81 -8.37
CA CYS C 171 14.48 13.61 -6.93
C CYS C 171 14.92 12.19 -6.65
N HIS C 172 15.18 11.89 -5.38
CA HIS C 172 15.64 10.56 -5.03
C HIS C 172 14.50 9.55 -5.14
N GLY C 173 13.43 9.76 -4.38
CA GLY C 173 12.32 8.83 -4.37
C GLY C 173 11.35 8.90 -5.54
N GLY C 174 10.54 9.94 -5.61
CA GLY C 174 9.54 10.03 -6.67
C GLY C 174 8.47 11.04 -6.33
N LEU C 175 7.25 10.75 -6.77
CA LEU C 175 6.14 11.67 -6.63
C LEU C 175 5.42 11.45 -5.30
N SER C 176 4.54 12.41 -4.97
CA SER C 176 3.82 12.43 -3.71
C SER C 176 2.37 12.83 -3.98
N PRO C 177 1.42 12.20 -3.28
CA PRO C 177 0.02 12.64 -3.42
C PRO C 177 -0.21 14.06 -2.91
N ASP C 178 0.71 14.58 -2.09
CA ASP C 178 0.59 15.92 -1.55
C ASP C 178 1.11 17.00 -2.49
N LEU C 179 1.81 16.63 -3.57
CA LEU C 179 2.56 17.58 -4.37
C LEU C 179 1.68 18.11 -5.49
N GLN C 180 1.14 19.31 -5.28
CA GLN C 180 0.34 20.00 -6.30
C GLN C 180 1.10 21.15 -6.95
N SER C 181 1.94 21.87 -6.20
CA SER C 181 2.68 23.01 -6.72
C SER C 181 4.12 22.95 -6.24
N MET C 182 5.05 23.32 -7.13
CA MET C 182 6.46 23.34 -6.75
C MET C 182 6.72 24.27 -5.57
N GLU C 183 5.85 25.27 -5.35
CA GLU C 183 5.98 26.10 -4.17
C GLU C 183 5.91 25.29 -2.88
N GLN C 184 5.30 24.10 -2.91
CA GLN C 184 5.25 23.27 -1.72
C GLN C 184 6.63 22.75 -1.36
N ILE C 185 7.45 22.44 -2.36
CA ILE C 185 8.83 22.04 -2.10
C ILE C 185 9.65 23.24 -1.65
N ARG C 186 9.47 24.39 -2.29
CA ARG C 186 10.30 25.55 -2.00
C ARG C 186 10.14 26.04 -0.57
N ARG C 187 8.98 25.79 0.05
CA ARG C 187 8.72 26.36 1.37
C ARG C 187 9.20 25.45 2.50
N ILE C 188 9.80 24.31 2.19
CA ILE C 188 10.38 23.47 3.23
C ILE C 188 11.60 24.18 3.80
N MET C 189 11.58 24.45 5.09
CA MET C 189 12.68 25.13 5.74
C MET C 189 13.79 24.15 6.09
N ARG C 190 15.02 24.64 6.04
CA ARG C 190 16.19 23.85 6.42
C ARG C 190 16.94 24.57 7.54
N PRO C 191 17.65 23.82 8.39
CA PRO C 191 17.82 22.36 8.39
C PRO C 191 16.54 21.63 8.77
N THR C 192 16.39 20.39 8.33
CA THR C 192 15.21 19.60 8.66
C THR C 192 15.57 18.12 8.63
N ASP C 193 15.11 17.40 9.64
CA ASP C 193 15.16 15.94 9.55
C ASP C 193 14.06 15.47 8.59
N VAL C 194 14.18 14.23 8.15
CA VAL C 194 13.17 13.64 7.28
C VAL C 194 12.04 13.09 8.15
N PRO C 195 10.82 13.63 8.04
CA PRO C 195 9.71 13.07 8.83
C PRO C 195 9.28 11.71 8.31
N ASP C 196 8.61 10.95 9.19
CA ASP C 196 8.14 9.63 8.83
C ASP C 196 6.96 9.65 7.85
N GLN C 197 6.37 10.81 7.61
CA GLN C 197 5.35 10.95 6.58
C GLN C 197 5.31 12.40 6.13
N GLY C 198 4.85 12.60 4.90
CA GLY C 198 4.66 13.91 4.35
C GLY C 198 5.32 14.04 3.01
N LEU C 199 5.29 15.27 2.47
CA LEU C 199 5.81 15.53 1.14
C LEU C 199 7.30 15.23 1.07
N LEU C 200 8.06 15.76 2.03
CA LEU C 200 9.50 15.53 2.05
C LEU C 200 9.81 14.05 2.15
N CYS C 201 9.05 13.33 2.99
CA CYS C 201 9.24 11.89 3.09
C CYS C 201 9.05 11.21 1.75
N ASP C 202 7.92 11.50 1.07
CA ASP C 202 7.60 10.79 -0.16
C ASP C 202 8.64 11.04 -1.26
N LEU C 203 9.14 12.27 -1.36
CA LEU C 203 10.12 12.58 -2.39
C LEU C 203 11.40 11.77 -2.25
N LEU C 204 11.67 11.26 -1.05
CA LEU C 204 12.85 10.44 -0.82
C LEU C 204 12.55 8.94 -0.78
N TRP C 205 11.28 8.55 -0.73
CA TRP C 205 10.94 7.16 -0.46
C TRP C 205 10.03 6.50 -1.49
N SER C 206 9.18 7.28 -2.16
CA SER C 206 8.17 6.69 -3.02
C SER C 206 8.80 5.94 -4.19
N ASP C 207 8.08 4.92 -4.68
CA ASP C 207 8.51 4.12 -5.81
C ASP C 207 7.44 4.09 -6.89
N PRO C 208 7.83 3.95 -8.15
CA PRO C 208 6.84 3.65 -9.19
C PRO C 208 6.53 2.17 -9.20
N ASP C 209 5.27 1.84 -9.49
CA ASP C 209 4.83 0.45 -9.55
C ASP C 209 3.92 0.28 -10.76
N LYS C 210 4.28 -0.65 -11.64
CA LYS C 210 3.47 -0.92 -12.82
C LYS C 210 2.13 -1.57 -12.49
N ASP C 211 2.01 -2.22 -11.33
CA ASP C 211 0.79 -2.94 -10.97
C ASP C 211 -0.15 -2.11 -10.12
N VAL C 212 0.10 -0.82 -9.96
CA VAL C 212 -0.70 0.05 -9.11
C VAL C 212 -1.47 1.02 -9.99
N GLN C 213 -2.75 1.20 -9.67
CA GLN C 213 -3.64 2.15 -10.34
C GLN C 213 -3.88 3.30 -9.37
N GLY C 214 -3.17 4.39 -9.56
CA GLY C 214 -3.25 5.52 -8.65
C GLY C 214 -2.11 5.51 -7.63
N TRP C 215 -2.46 5.63 -6.36
CA TRP C 215 -1.51 5.60 -5.26
C TRP C 215 -1.71 4.33 -4.45
N GLY C 216 -0.60 3.71 -4.03
CA GLY C 216 -0.67 2.49 -3.25
C GLY C 216 0.34 2.50 -2.13
N GLU C 217 0.11 1.62 -1.16
CA GLU C 217 1.02 1.47 -0.04
C GLU C 217 2.34 0.89 -0.53
N ASN C 218 3.43 1.28 0.13
CA ASN C 218 4.78 0.91 -0.25
C ASN C 218 5.28 -0.23 0.65
N ASP C 219 5.85 -1.27 0.03
CA ASP C 219 6.30 -2.43 0.79
C ASP C 219 7.43 -2.09 1.74
N ARG C 220 8.09 -0.94 1.57
CA ARG C 220 9.12 -0.50 2.49
C ARG C 220 8.56 -0.10 3.85
N GLY C 221 7.24 0.07 3.97
CA GLY C 221 6.66 0.56 5.20
C GLY C 221 6.69 2.05 5.38
N VAL C 222 7.06 2.80 4.33
CA VAL C 222 7.09 4.26 4.36
C VAL C 222 6.72 4.75 2.98
N SER C 223 6.02 5.90 2.95
CA SER C 223 5.64 6.53 1.69
C SER C 223 4.72 5.64 0.87
N PHE C 224 4.66 5.86 -0.44
CA PHE C 224 3.63 5.29 -1.29
C PHE C 224 4.26 4.76 -2.57
N THR C 225 3.43 4.09 -3.37
CA THR C 225 3.75 3.73 -4.73
C THR C 225 2.78 4.47 -5.65
N PHE C 226 3.23 4.74 -6.88
CA PHE C 226 2.41 5.47 -7.84
C PHE C 226 2.51 4.78 -9.20
N GLY C 227 1.40 4.85 -9.94
CA GLY C 227 1.33 4.23 -11.25
C GLY C 227 1.71 5.18 -12.37
N ALA C 228 1.62 4.66 -13.61
CA ALA C 228 2.10 5.39 -14.77
C ALA C 228 1.27 6.65 -15.05
N GLU C 229 -0.05 6.54 -14.90
CA GLU C 229 -0.92 7.69 -15.20
C GLU C 229 -0.67 8.83 -14.24
N VAL C 230 -0.31 8.54 -12.98
CA VAL C 230 0.09 9.60 -12.06
C VAL C 230 1.28 10.36 -12.62
N VAL C 231 2.26 9.63 -13.17
CA VAL C 231 3.41 10.29 -13.78
C VAL C 231 2.97 11.19 -14.91
N ALA C 232 2.11 10.67 -15.79
CA ALA C 232 1.70 11.42 -16.96
C ALA C 232 0.93 12.68 -16.58
N LYS C 233 0.05 12.58 -15.57
CA LYS C 233 -0.69 13.75 -15.14
C LYS C 233 0.24 14.78 -14.49
N PHE C 234 1.18 14.32 -13.66
CA PHE C 234 2.13 15.25 -13.04
C PHE C 234 2.93 15.97 -14.11
N LEU C 235 3.42 15.25 -15.11
CA LEU C 235 4.23 15.88 -16.15
C LEU C 235 3.43 16.92 -16.93
N HIS C 236 2.19 16.56 -17.30
CA HIS C 236 1.37 17.47 -18.11
C HIS C 236 1.01 18.74 -17.35
N LYS C 237 0.65 18.62 -16.08
CA LYS C 237 0.24 19.79 -15.32
C LYS C 237 1.38 20.79 -15.17
N HIS C 238 2.59 20.31 -14.94
CA HIS C 238 3.74 21.18 -14.69
C HIS C 238 4.59 21.40 -15.94
N ASP C 239 4.10 20.98 -17.11
CA ASP C 239 4.79 21.23 -18.37
C ASP C 239 6.20 20.65 -18.34
N LEU C 240 6.31 19.43 -17.82
CA LEU C 240 7.57 18.70 -17.75
C LEU C 240 7.55 17.57 -18.77
N ASP C 241 8.73 17.00 -19.01
CA ASP C 241 8.90 15.94 -19.98
C ASP C 241 9.40 14.63 -19.39
N LEU C 242 10.02 14.65 -18.21
CA LEU C 242 10.64 13.45 -17.67
C LEU C 242 10.82 13.59 -16.17
N ILE C 243 10.58 12.50 -15.44
CA ILE C 243 10.97 12.38 -14.04
C ILE C 243 12.20 11.51 -13.96
N CYS C 244 13.26 12.02 -13.33
CA CYS C 244 14.53 11.32 -13.19
C CYS C 244 14.76 11.01 -11.72
N ARG C 245 14.96 9.73 -11.40
CA ARG C 245 15.05 9.33 -10.01
C ARG C 245 15.93 8.09 -9.87
N ALA C 246 15.99 7.56 -8.65
CA ALA C 246 16.94 6.54 -8.20
C ALA C 246 16.19 5.69 -7.18
N HIS C 247 16.91 5.13 -6.20
CA HIS C 247 16.34 4.55 -4.98
C HIS C 247 15.90 3.11 -5.16
N GLN C 248 15.99 2.55 -6.37
CA GLN C 248 15.69 1.14 -6.58
C GLN C 248 16.76 0.54 -7.48
N VAL C 249 17.21 -0.66 -7.11
CA VAL C 249 18.20 -1.38 -7.90
C VAL C 249 17.57 -1.81 -9.22
N VAL C 250 18.26 -1.52 -10.32
CA VAL C 250 17.84 -1.96 -11.66
C VAL C 250 19.02 -2.68 -12.31
N GLU C 251 18.72 -3.78 -13.00
CA GLU C 251 19.78 -4.68 -13.43
C GLU C 251 20.76 -3.98 -14.36
N ASP C 252 20.26 -3.15 -15.27
CA ASP C 252 21.08 -2.52 -16.29
C ASP C 252 21.52 -1.11 -15.92
N GLY C 253 21.28 -0.67 -14.69
CA GLY C 253 21.68 0.64 -14.23
C GLY C 253 20.67 1.74 -14.50
N TYR C 254 19.91 1.63 -15.57
CA TYR C 254 18.80 2.52 -15.86
C TYR C 254 17.60 1.67 -16.26
N GLU C 255 16.40 2.22 -16.09
CA GLU C 255 15.18 1.49 -16.40
C GLU C 255 14.02 2.47 -16.53
N PHE C 256 13.34 2.42 -17.67
CA PHE C 256 12.25 3.35 -17.92
C PHE C 256 10.95 2.86 -17.26
N PHE C 257 10.01 3.80 -17.13
CA PHE C 257 8.70 3.53 -16.56
C PHE C 257 7.70 4.45 -17.25
N ALA C 258 6.48 3.95 -17.42
CA ALA C 258 5.42 4.70 -18.09
C ALA C 258 5.90 5.21 -19.45
N LYS C 259 6.21 4.25 -20.32
CA LYS C 259 6.83 4.52 -21.62
C LYS C 259 8.25 5.06 -21.40
N ARG C 260 8.45 6.37 -21.55
CA ARG C 260 9.73 6.99 -21.21
C ARG C 260 9.53 8.26 -20.38
N GLN C 261 8.40 8.33 -19.66
CA GLN C 261 8.10 9.50 -18.86
C GLN C 261 8.84 9.50 -17.52
N LEU C 262 9.41 8.38 -17.10
CA LEU C 262 10.13 8.29 -15.85
C LEU C 262 11.27 7.30 -16.04
N VAL C 263 12.42 7.61 -15.46
CA VAL C 263 13.59 6.74 -15.55
C VAL C 263 14.19 6.58 -14.16
N THR C 264 14.61 5.37 -13.83
CA THR C 264 15.28 5.08 -12.57
C THR C 264 16.76 4.89 -12.83
N LEU C 265 17.58 5.61 -12.09
CA LEU C 265 19.04 5.52 -12.20
C LEU C 265 19.61 4.89 -10.94
N PHE C 266 20.62 4.05 -11.13
CA PHE C 266 21.34 3.41 -10.04
C PHE C 266 22.80 3.32 -10.44
N SER C 267 23.70 3.77 -9.56
CA SER C 267 25.10 3.94 -9.93
C SER C 267 26.03 3.17 -9.00
N ALA C 268 25.56 2.05 -8.47
CA ALA C 268 26.34 1.19 -7.58
C ALA C 268 26.32 -0.23 -8.16
N PRO C 269 27.26 -0.55 -9.04
CA PRO C 269 27.30 -1.91 -9.60
C PRO C 269 27.48 -2.96 -8.51
N ASN C 270 26.85 -4.11 -8.70
CA ASN C 270 26.85 -5.21 -7.74
C ASN C 270 26.51 -4.72 -6.34
N TYR C 271 25.36 -4.06 -6.25
CA TYR C 271 24.93 -3.38 -5.03
C TYR C 271 25.19 -4.21 -3.78
N CYS C 272 26.01 -3.66 -2.88
CA CYS C 272 26.45 -4.31 -1.65
C CYS C 272 26.73 -5.79 -1.85
N GLY C 273 27.27 -6.13 -3.03
CA GLY C 273 27.73 -7.48 -3.30
C GLY C 273 26.66 -8.55 -3.29
N GLU C 274 25.39 -8.15 -3.27
CA GLU C 274 24.29 -9.09 -3.25
C GLU C 274 23.53 -9.17 -4.57
N PHE C 275 23.64 -8.16 -5.42
CA PHE C 275 23.02 -8.16 -6.74
C PHE C 275 24.12 -8.21 -7.80
N ASP C 276 23.70 -8.55 -9.03
CA ASP C 276 24.61 -8.60 -10.17
C ASP C 276 24.36 -7.42 -11.11
N ASN C 277 23.75 -6.36 -10.60
CA ASN C 277 23.34 -5.24 -11.42
C ASN C 277 24.54 -4.46 -11.95
N ALA C 278 24.29 -3.68 -12.98
CA ALA C 278 25.22 -2.69 -13.50
C ALA C 278 24.79 -1.31 -13.01
N GLY C 279 25.73 -0.36 -13.09
CA GLY C 279 25.46 1.02 -12.81
C GLY C 279 25.34 1.83 -14.08
N ALA C 280 24.62 2.94 -14.01
CA ALA C 280 24.44 3.79 -15.18
C ALA C 280 24.30 5.25 -14.76
N MET C 281 24.52 6.13 -15.73
CA MET C 281 24.31 7.56 -15.55
C MET C 281 23.75 8.13 -16.83
N MET C 282 22.97 9.21 -16.70
CA MET C 282 22.31 9.86 -17.82
C MET C 282 23.01 11.17 -18.11
N SER C 283 23.52 11.31 -19.33
CA SER C 283 24.11 12.55 -19.80
C SER C 283 23.04 13.38 -20.50
N VAL C 284 22.94 14.64 -20.13
CA VAL C 284 22.05 15.60 -20.78
C VAL C 284 22.93 16.71 -21.34
N ASP C 285 22.79 16.97 -22.64
CA ASP C 285 23.60 17.98 -23.30
C ASP C 285 22.77 19.23 -23.56
N GLU C 286 23.40 20.21 -24.22
CA GLU C 286 22.84 21.54 -24.34
C GLU C 286 21.51 21.53 -25.08
N THR C 287 21.32 20.57 -25.98
CA THR C 287 20.07 20.42 -26.71
C THR C 287 19.03 19.62 -25.95
N LEU C 288 19.32 19.24 -24.70
CA LEU C 288 18.45 18.38 -23.90
C LEU C 288 18.30 17.00 -24.52
N MET C 289 19.34 16.51 -25.20
CA MET C 289 19.38 15.12 -25.63
C MET C 289 19.93 14.25 -24.51
N CYS C 290 19.20 13.19 -24.18
CA CYS C 290 19.54 12.32 -23.07
C CYS C 290 20.13 11.01 -23.61
N SER C 291 21.25 10.61 -23.03
CA SER C 291 21.90 9.35 -23.36
C SER C 291 22.27 8.65 -22.06
N PHE C 292 22.62 7.38 -22.16
CA PHE C 292 22.99 6.59 -20.99
C PHE C 292 24.37 5.98 -21.19
N GLN C 293 25.15 5.95 -20.12
CA GLN C 293 26.43 5.26 -20.08
C GLN C 293 26.39 4.23 -18.95
N ILE C 294 26.93 3.05 -19.21
CA ILE C 294 26.78 1.90 -18.33
C ILE C 294 28.13 1.57 -17.70
N LEU C 295 28.10 1.26 -16.42
CA LEU C 295 29.26 0.75 -15.68
C LEU C 295 28.96 -0.71 -15.34
N LYS C 296 29.62 -1.62 -16.06
CA LYS C 296 29.31 -3.05 -15.98
C LYS C 296 30.45 -3.79 -15.31
N PRO C 297 30.23 -4.49 -14.19
CA PRO C 297 31.31 -5.28 -13.59
C PRO C 297 31.82 -6.34 -14.57
N ALA C 298 33.00 -6.88 -14.25
CA ALA C 298 33.63 -7.91 -15.07
C ALA C 298 33.43 -9.30 -14.45
N TYR D 16 47.51 -2.77 -13.50
CA TYR D 16 46.62 -3.93 -13.52
C TYR D 16 45.18 -3.53 -13.22
N GLN D 17 45.02 -2.55 -12.32
CA GLN D 17 43.69 -2.19 -11.86
C GLN D 17 42.86 -1.52 -12.95
N PRO D 18 43.28 -0.38 -13.51
CA PRO D 18 42.38 0.40 -14.38
C PRO D 18 42.51 0.10 -15.86
N ASP D 19 41.38 0.17 -16.55
CA ASP D 19 41.30 0.02 -18.00
C ASP D 19 40.32 1.06 -18.53
N MET D 20 40.64 1.66 -19.68
CA MET D 20 39.88 2.79 -20.20
C MET D 20 38.92 2.41 -21.33
N GLU D 21 39.14 1.30 -22.01
CA GLU D 21 38.38 0.97 -23.21
C GLU D 21 36.91 0.71 -22.87
N TYR D 22 36.04 1.03 -23.83
CA TYR D 22 34.60 0.85 -23.65
C TYR D 22 34.03 0.05 -24.81
N SER D 23 33.02 -0.76 -24.52
CA SER D 23 32.27 -1.49 -25.52
C SER D 23 30.90 -0.86 -25.68
N GLU D 24 30.35 -0.96 -26.90
CA GLU D 24 29.05 -0.40 -27.22
C GLU D 24 28.00 -1.51 -27.32
N ILE D 25 26.75 -1.14 -27.05
CA ILE D 25 25.62 -2.06 -27.17
C ILE D 25 24.51 -1.36 -27.95
N VAL D 26 23.37 -2.04 -28.06
CA VAL D 26 22.28 -1.56 -28.90
C VAL D 26 21.74 -0.26 -28.32
N GLY D 27 21.52 0.73 -29.18
CA GLY D 27 20.98 1.99 -28.75
C GLY D 27 19.52 1.90 -28.39
N LEU D 28 19.02 2.99 -27.81
CA LEU D 28 17.60 3.06 -27.49
C LEU D 28 16.78 2.99 -28.76
N PRO D 29 15.69 2.22 -28.78
CA PRO D 29 14.89 2.11 -30.00
C PRO D 29 14.18 3.42 -30.32
N GLU D 30 13.72 3.53 -31.57
CA GLU D 30 12.81 4.59 -31.94
C GLU D 30 11.50 4.41 -31.17
N GLU D 31 10.97 5.51 -30.65
CA GLU D 31 9.83 5.47 -29.75
C GLU D 31 8.56 5.88 -30.47
N GLU D 32 7.48 5.14 -30.21
CA GLU D 32 6.19 5.39 -30.84
C GLU D 32 5.37 6.37 -30.02
N GLU D 33 4.62 7.24 -30.70
CA GLU D 33 3.78 8.23 -30.06
C GLU D 33 4.59 9.10 -29.09
N ILE D 34 5.62 9.73 -29.63
CA ILE D 34 6.32 10.76 -28.85
C ILE D 34 5.40 11.96 -28.68
N PRO D 35 5.27 12.53 -27.48
CA PRO D 35 4.53 13.79 -27.36
C PRO D 35 5.17 14.84 -28.25
N ALA D 36 4.35 15.56 -29.01
CA ALA D 36 4.89 16.60 -29.88
C ALA D 36 5.48 17.74 -29.08
N ASN D 37 4.87 18.07 -27.94
CA ASN D 37 5.37 19.15 -27.09
C ASN D 37 6.68 18.80 -26.41
N ARG D 38 7.04 17.52 -26.34
CA ARG D 38 8.20 17.11 -25.56
C ARG D 38 9.45 17.81 -26.09
N LYS D 39 10.05 18.65 -25.25
CA LYS D 39 11.25 19.38 -25.63
C LYS D 39 12.48 18.48 -25.62
N ILE D 40 12.55 17.54 -24.68
CA ILE D 40 13.71 16.67 -24.58
C ILE D 40 13.68 15.61 -25.68
N LYS D 41 14.86 15.05 -25.96
CA LYS D 41 15.01 13.98 -26.93
C LYS D 41 15.86 12.87 -26.31
N PHE D 42 15.73 11.67 -26.88
CA PHE D 42 16.48 10.51 -26.43
C PHE D 42 17.36 10.01 -27.58
N SER D 43 18.62 9.74 -27.26
CA SER D 43 19.57 9.35 -28.30
C SER D 43 19.28 7.93 -28.78
N SER D 44 19.39 7.75 -30.09
CA SER D 44 19.33 6.43 -30.71
C SER D 44 20.71 5.83 -30.95
N ALA D 45 21.76 6.55 -30.59
CA ALA D 45 23.12 6.05 -30.76
C ALA D 45 23.37 4.88 -29.83
N PRO D 46 24.39 4.07 -30.12
CA PRO D 46 24.70 2.95 -29.23
C PRO D 46 25.04 3.42 -27.82
N ILE D 47 24.66 2.60 -26.84
CA ILE D 47 24.92 2.89 -25.44
C ILE D 47 26.33 2.44 -25.09
N LYS D 48 27.15 3.37 -24.60
CA LYS D 48 28.51 3.01 -24.22
C LYS D 48 28.51 2.24 -22.91
N VAL D 49 29.30 1.17 -22.86
CA VAL D 49 29.42 0.33 -21.69
C VAL D 49 30.89 0.28 -21.30
N PHE D 50 31.20 0.79 -20.11
CA PHE D 50 32.55 0.77 -19.56
C PHE D 50 32.62 -0.32 -18.50
N ASN D 51 33.76 -0.98 -18.42
CA ASN D 51 33.96 -2.07 -17.46
C ASN D 51 34.45 -1.51 -16.14
N THR D 52 34.03 -2.16 -15.06
CA THR D 52 34.51 -1.81 -13.72
C THR D 52 34.92 -3.09 -12.99
N TYR D 53 35.26 -2.97 -11.72
CA TYR D 53 35.82 -4.09 -10.99
C TYR D 53 34.83 -5.25 -10.93
N SER D 54 35.35 -6.47 -11.04
CA SER D 54 34.56 -7.65 -10.75
C SER D 54 34.41 -7.81 -9.24
N ASN D 55 33.52 -8.72 -8.83
CA ASN D 55 33.38 -9.01 -7.42
C ASN D 55 34.68 -9.54 -6.83
N GLU D 56 35.45 -10.30 -7.61
CA GLU D 56 36.71 -10.82 -7.12
C GLU D 56 37.72 -9.72 -6.86
N ASP D 57 37.78 -8.72 -7.76
CA ASP D 57 38.71 -7.62 -7.57
C ASP D 57 38.22 -6.61 -6.53
N TYR D 58 36.91 -6.43 -6.40
CA TYR D 58 36.33 -5.44 -5.49
C TYR D 58 35.21 -6.12 -4.72
N ASP D 59 35.45 -6.36 -3.42
CA ASP D 59 34.46 -7.03 -2.57
C ASP D 59 33.53 -5.96 -2.01
N ARG D 60 32.38 -5.80 -2.65
CA ARG D 60 31.42 -4.77 -2.25
C ARG D 60 30.54 -5.21 -1.10
N ARG D 61 30.67 -6.44 -0.63
CA ARG D 61 29.86 -6.92 0.49
C ARG D 61 30.28 -6.26 1.81
N ASN D 62 29.31 -6.08 2.70
CA ASN D 62 29.56 -5.55 4.04
C ASN D 62 28.59 -6.24 4.99
N ASP D 63 29.06 -7.30 5.65
CA ASP D 63 28.23 -8.10 6.55
C ASP D 63 28.28 -7.60 7.99
N GLU D 64 28.97 -6.49 8.24
CA GLU D 64 28.88 -5.82 9.54
C GLU D 64 27.59 -5.04 9.70
N VAL D 65 26.78 -4.93 8.65
CA VAL D 65 25.55 -4.15 8.67
C VAL D 65 24.45 -5.07 9.25
N ASP D 66 24.16 -4.90 10.53
CA ASP D 66 23.10 -5.63 11.21
C ASP D 66 22.00 -4.65 11.59
N PRO D 67 20.94 -4.52 10.79
CA PRO D 67 19.87 -3.57 11.15
C PRO D 67 19.21 -3.87 12.49
N VAL D 68 19.07 -5.15 12.86
CA VAL D 68 18.35 -5.51 14.08
C VAL D 68 19.05 -4.92 15.30
N ALA D 69 20.36 -5.15 15.42
CA ALA D 69 21.08 -4.70 16.61
C ALA D 69 21.20 -3.18 16.63
N ALA D 70 21.52 -2.58 15.47
CA ALA D 70 21.63 -1.12 15.42
C ALA D 70 20.32 -0.45 15.83
N SER D 71 19.18 -1.04 15.43
CA SER D 71 17.90 -0.52 15.86
C SER D 71 17.70 -0.68 17.37
N ALA D 72 18.16 -1.81 17.92
CA ALA D 72 18.07 -2.01 19.37
C ALA D 72 18.95 -1.00 20.11
N GLU D 73 20.17 -0.78 19.62
CA GLU D 73 21.05 0.21 20.25
C GLU D 73 20.46 1.61 20.15
N TYR D 74 19.83 1.92 19.01
CA TYR D 74 19.26 3.24 18.81
C TYR D 74 18.16 3.51 19.84
N GLU D 75 17.38 2.48 20.17
CA GLU D 75 16.31 2.64 21.16
C GLU D 75 16.85 3.12 22.49
N LEU D 76 17.86 2.45 23.03
CA LEU D 76 18.39 2.82 24.34
C LEU D 76 19.02 4.22 24.30
N GLU D 77 19.73 4.54 23.22
CA GLU D 77 20.31 5.87 23.10
C GLU D 77 19.23 6.95 23.08
N LYS D 78 18.17 6.73 22.31
CA LYS D 78 17.09 7.71 22.20
C LYS D 78 16.29 7.78 23.50
MN MN E . -14.93 -0.68 8.70
MN MN F . -15.69 -1.49 11.37
MN MN G . 18.23 2.77 -1.34
MN MN H . 17.06 5.16 -1.35
#